data_9HEC
#
_entry.id   9HEC
#
_cell.length_a   270.969
_cell.length_b   75.050
_cell.length_c   106.056
_cell.angle_alpha   90.00
_cell.angle_beta   112.06
_cell.angle_gamma   90.00
#
_symmetry.space_group_name_H-M   'C 1 2 1'
#
loop_
_entity.id
_entity.type
_entity.pdbx_description
1 polymer 'Heme-thiolate peroxidase'
2 branched alpha-D-mannopyranose-(1-3)-[alpha-D-mannopyranose-(1-6)]beta-D-mannopyranose-(1-4)-2-acetamido-2-deoxy-beta-D-glucopyranose-(1-4)-2-acetamido-2-deoxy-beta-D-glucopyranose
3 branched alpha-D-mannopyranose-(1-3)-[alpha-D-mannopyranose-(1-6)]alpha-D-mannopyranose-(1-6)-[alpha-D-mannopyranose-(1-3)]beta-D-mannopyranose-(1-4)-2-acetamido-2-deoxy-beta-D-glucopyranose-(1-4)-2-acetamido-2-deoxy-beta-D-glucopyranose
4 branched beta-D-mannopyranose-(1-4)-2-acetamido-2-deoxy-beta-D-glucopyranose-(1-4)-2-acetamido-2-deoxy-beta-D-glucopyranose
5 branched alpha-D-mannopyranose-(1-3)-alpha-D-mannopyranose-(1-6)-[alpha-D-mannopyranose-(1-3)]beta-D-mannopyranose-(1-4)-2-acetamido-2-deoxy-beta-D-glucopyranose-(1-4)-2-acetamido-2-deoxy-beta-D-glucopyranose
6 branched alpha-D-mannopyranose-(1-3)-beta-D-mannopyranose-(1-4)-2-acetamido-2-deoxy-beta-D-glucopyranose-(1-4)-2-acetamido-2-deoxy-beta-D-glucopyranose
7 non-polymer alpha-ionone
8 non-polymer GLYCEROL
9 non-polymer 'PROTOPORPHYRIN IX CONTAINING FE'
10 non-polymer 'MAGNESIUM ION'
11 non-polymer 'SULFATE ION'
12 non-polymer 'ACETATE ION'
13 water water
#
_entity_poly.entity_id   1
_entity_poly.type   'polypeptide(L)'
_entity_poly.pdbx_seq_one_letter_code
;QGVDPPPPPGPPSFTGTKLVNDADHPWQPLREGDIRGPCPGLNTLASHGYLPRDGVATPAQIITATQEGFNFENNAAIVA
TYLGHLLNGNLVTDLLSIGGATPKTGPPPPPPAHAGGLNVHGTFEGDAGMTRADEFFGDNHSFNQTLFDKFVDFSNRYGG
GFYNLTVAGELRYSRIQDSIATNPEFQFKNVRFITAYGETVFPINLFVDGRVTTDRKLSMEDAASIFRDMRFPDDFHRSA
VPASNEGADQVLAAHPWVPGGNADNQVNNYVEDPDSADFTHLCRLYEFVVGSVQELYPNPTGILRRNLIKNLHYWWTGVN
VAFGGCDELFPYGQL
;
_entity_poly.pdbx_strand_id   A,B,C
#
loop_
_chem_comp.id
_chem_comp.type
_chem_comp.name
_chem_comp.formula
A1IUB non-polymer alpha-ionone 'C13 H20 O'
ACT non-polymer 'ACETATE ION' 'C2 H3 O2 -1'
BMA D-saccharide, beta linking beta-D-mannopyranose 'C6 H12 O6'
GOL non-polymer GLYCEROL 'C3 H8 O3'
HEM non-polymer 'PROTOPORPHYRIN IX CONTAINING FE' 'C34 H32 Fe N4 O4'
MAN D-saccharide, alpha linking alpha-D-mannopyranose 'C6 H12 O6'
MG non-polymer 'MAGNESIUM ION' 'Mg 2'
NAG D-saccharide, beta linking 2-acetamido-2-deoxy-beta-D-glucopyranose 'C8 H15 N O6'
SO4 non-polymer 'SULFATE ION' 'O4 S -2'
#
# COMPACT_ATOMS: atom_id res chain seq x y z
N GLN A 1 8.68 48.03 -10.95
CA GLN A 1 9.09 48.97 -9.86
C GLN A 1 8.40 48.62 -8.53
N GLY A 2 7.12 48.19 -8.56
CA GLY A 2 6.48 47.55 -7.42
C GLY A 2 4.96 47.72 -7.36
N VAL A 3 4.37 47.04 -6.38
CA VAL A 3 2.93 46.97 -6.18
C VAL A 3 2.56 47.79 -4.95
N ASP A 4 1.31 48.26 -4.89
CA ASP A 4 0.73 48.85 -3.68
C ASP A 4 -0.13 47.77 -3.00
N PRO A 5 0.34 47.15 -1.88
CA PRO A 5 -0.33 45.97 -1.30
C PRO A 5 -1.61 46.29 -0.55
N PRO A 6 -2.76 45.67 -0.90
CA PRO A 6 -4.04 46.04 -0.31
C PRO A 6 -4.16 45.42 1.08
N PRO A 7 -5.06 45.93 1.93
CA PRO A 7 -5.29 45.34 3.25
C PRO A 7 -5.85 43.93 3.07
N PRO A 8 -5.69 43.04 4.06
CA PRO A 8 -6.12 41.67 3.91
C PRO A 8 -7.63 41.60 3.80
N PRO A 9 -8.15 40.57 3.09
CA PRO A 9 -9.58 40.26 3.07
C PRO A 9 -10.06 40.02 4.49
N GLY A 10 -11.35 40.30 4.71
CA GLY A 10 -12.02 39.94 5.94
C GLY A 10 -12.54 38.50 5.83
N PRO A 11 -13.37 38.05 6.79
CA PRO A 11 -13.97 36.71 6.72
C PRO A 11 -14.82 36.54 5.47
N PRO A 12 -15.02 35.29 4.99
CA PRO A 12 -15.94 35.04 3.88
C PRO A 12 -17.38 35.32 4.31
N SER A 13 -18.18 35.85 3.36
CA SER A 13 -19.61 36.08 3.52
CA SER A 13 -19.60 36.10 3.55
C SER A 13 -20.30 34.83 4.04
N PHE A 14 -20.02 33.70 3.40
CA PHE A 14 -20.58 32.41 3.75
C PHE A 14 -19.53 31.61 4.52
N THR A 15 -19.88 31.16 5.73
CA THR A 15 -18.93 30.54 6.65
C THR A 15 -19.34 29.10 6.94
N GLY A 16 -20.33 28.56 6.20
CA GLY A 16 -20.76 27.19 6.45
C GLY A 16 -19.91 26.18 5.70
N THR A 17 -20.28 24.89 5.85
CA THR A 17 -19.67 23.81 5.10
C THR A 17 -20.09 23.93 3.63
N LYS A 18 -19.24 23.39 2.75
CA LYS A 18 -19.55 23.29 1.34
C LYS A 18 -18.53 22.37 0.68
N LEU A 19 -18.87 21.92 -0.53
CA LEU A 19 -17.98 21.09 -1.31
C LEU A 19 -16.83 21.98 -1.77
N VAL A 20 -15.59 21.57 -1.47
CA VAL A 20 -14.46 22.35 -1.90
C VAL A 20 -13.68 21.60 -2.98
N ASN A 21 -13.75 20.27 -2.97
CA ASN A 21 -13.18 19.47 -4.05
C ASN A 21 -14.19 19.39 -5.20
N ASP A 22 -14.28 20.44 -6.01
CA ASP A 22 -15.39 20.61 -6.95
C ASP A 22 -14.82 20.73 -8.35
N ALA A 23 -15.72 20.93 -9.32
CA ALA A 23 -15.36 20.84 -10.72
C ALA A 23 -14.43 21.99 -11.12
N ASP A 24 -14.59 23.15 -10.48
CA ASP A 24 -13.77 24.31 -10.80
C ASP A 24 -12.37 24.22 -10.16
N HIS A 25 -12.15 23.25 -9.24
CA HIS A 25 -10.92 23.19 -8.47
C HIS A 25 -10.38 21.76 -8.52
N PRO A 26 -10.12 21.23 -9.73
CA PRO A 26 -9.63 19.86 -9.87
C PRO A 26 -8.16 19.72 -9.47
N TRP A 27 -7.83 18.58 -8.88
CA TRP A 27 -6.43 18.24 -8.66
C TRP A 27 -5.76 18.13 -10.02
N GLN A 28 -4.56 18.66 -10.15
CA GLN A 28 -3.76 18.48 -11.33
C GLN A 28 -2.32 18.23 -10.92
N PRO A 29 -1.56 17.46 -11.73
CA PRO A 29 -0.16 17.20 -11.43
C PRO A 29 0.70 18.44 -11.62
N LEU A 30 1.88 18.41 -10.97
CA LEU A 30 2.88 19.47 -11.06
C LEU A 30 3.40 19.63 -12.48
N ARG A 31 3.56 20.88 -12.92
CA ARG A 31 4.32 21.22 -14.11
C ARG A 31 5.72 21.72 -13.71
N GLU A 32 6.61 21.84 -14.69
CA GLU A 32 7.96 22.34 -14.44
C GLU A 32 7.86 23.74 -13.85
N GLY A 33 8.60 24.00 -12.77
CA GLY A 33 8.64 25.32 -12.16
C GLY A 33 7.56 25.53 -11.10
N ASP A 34 6.60 24.62 -10.97
CA ASP A 34 5.59 24.69 -9.92
C ASP A 34 6.27 24.46 -8.57
N ILE A 35 5.90 25.26 -7.57
CA ILE A 35 6.54 25.23 -6.28
C ILE A 35 5.60 24.62 -5.24
N ARG A 36 6.14 23.75 -4.41
CA ARG A 36 5.44 23.23 -3.27
C ARG A 36 6.43 23.21 -2.12
N GLY A 37 5.93 23.10 -0.90
CA GLY A 37 6.74 23.36 0.27
C GLY A 37 6.30 22.55 1.48
N PRO A 38 6.59 23.05 2.69
CA PRO A 38 6.36 22.30 3.91
C PRO A 38 4.93 22.30 4.43
N CYS A 39 4.05 23.11 3.84
CA CYS A 39 2.67 23.23 4.32
C CYS A 39 1.70 22.41 3.47
N PRO A 40 1.10 21.35 4.05
CA PRO A 40 0.16 20.53 3.29
C PRO A 40 -1.11 21.30 2.91
N GLY A 41 -1.49 22.30 3.72
CA GLY A 41 -2.66 23.12 3.42
C GLY A 41 -2.50 23.92 2.13
N LEU A 42 -1.47 24.75 2.08
CA LEU A 42 -1.16 25.56 0.92
C LEU A 42 -0.87 24.67 -0.28
N ASN A 43 -0.11 23.59 -0.07
CA ASN A 43 0.20 22.67 -1.13
C ASN A 43 -1.08 22.13 -1.78
N THR A 44 -2.04 21.70 -0.96
CA THR A 44 -3.29 21.17 -1.49
C THR A 44 -4.06 22.26 -2.22
N LEU A 45 -4.12 23.47 -1.65
CA LEU A 45 -4.82 24.57 -2.30
C LEU A 45 -4.18 24.89 -3.66
N ALA A 46 -2.84 24.86 -3.75
CA ALA A 46 -2.18 25.12 -5.02
C ALA A 46 -2.50 24.01 -6.02
N SER A 47 -2.48 22.76 -5.59
CA SER A 47 -2.68 21.65 -6.52
C SER A 47 -4.15 21.50 -6.94
N HIS A 48 -5.09 22.17 -6.25
CA HIS A 48 -6.47 22.24 -6.70
C HIS A 48 -6.85 23.60 -7.28
N GLY A 49 -5.90 24.51 -7.45
CA GLY A 49 -6.17 25.78 -8.12
C GLY A 49 -6.91 26.81 -7.27
N TYR A 50 -7.02 26.62 -5.97
CA TYR A 50 -7.44 27.68 -5.04
C TYR A 50 -6.40 28.78 -4.94
N LEU A 51 -5.13 28.38 -5.00
CA LEU A 51 -3.99 29.26 -5.19
C LEU A 51 -3.51 29.07 -6.61
N PRO A 52 -2.73 30.03 -7.18
CA PRO A 52 -2.01 29.77 -8.43
C PRO A 52 -1.25 28.43 -8.34
N ARG A 53 -1.37 27.63 -9.39
CA ARG A 53 -0.86 26.26 -9.38
C ARG A 53 0.66 26.22 -9.33
N ASP A 54 1.31 27.36 -9.60
CA ASP A 54 2.76 27.43 -9.56
C ASP A 54 3.27 27.65 -8.14
N GLY A 55 2.37 27.89 -7.19
CA GLY A 55 2.77 27.91 -5.79
C GLY A 55 3.34 29.25 -5.36
N VAL A 56 3.06 30.30 -6.13
CA VAL A 56 3.49 31.64 -5.81
C VAL A 56 2.25 32.53 -5.82
N ALA A 57 2.01 33.24 -4.73
CA ALA A 57 0.77 33.97 -4.54
C ALA A 57 0.99 35.24 -3.73
N THR A 58 0.00 36.15 -3.80
CA THR A 58 -0.03 37.31 -2.94
C THR A 58 -0.55 36.89 -1.58
N PRO A 59 -0.24 37.66 -0.52
CA PRO A 59 -0.86 37.45 0.78
C PRO A 59 -2.38 37.38 0.71
N ALA A 60 -2.97 38.30 -0.05
CA ALA A 60 -4.41 38.34 -0.18
C ALA A 60 -4.94 37.03 -0.78
N GLN A 61 -4.27 36.50 -1.80
CA GLN A 61 -4.70 35.25 -2.41
C GLN A 61 -4.60 34.10 -1.42
N ILE A 62 -3.56 34.09 -0.58
CA ILE A 62 -3.34 33.03 0.37
C ILE A 62 -4.47 33.05 1.40
N ILE A 63 -4.82 34.25 1.86
CA ILE A 63 -5.86 34.39 2.86
C ILE A 63 -7.19 33.90 2.30
N THR A 64 -7.58 34.35 1.12
CA THR A 64 -8.88 33.98 0.56
CA THR A 64 -8.89 33.98 0.58
C THR A 64 -8.89 32.47 0.30
N ALA A 65 -7.77 31.92 -0.21
CA ALA A 65 -7.68 30.49 -0.46
C ALA A 65 -7.83 29.66 0.80
N THR A 66 -7.18 30.03 1.91
CA THR A 66 -7.27 29.23 3.11
C THR A 66 -8.69 29.30 3.67
N GLN A 67 -9.36 30.44 3.49
CA GLN A 67 -10.76 30.59 3.90
C GLN A 67 -11.68 29.78 2.99
N GLU A 68 -11.59 29.95 1.69
CA GLU A 68 -12.48 29.30 0.74
C GLU A 68 -12.31 27.79 0.81
N GLY A 69 -11.05 27.33 0.87
CA GLY A 69 -10.73 25.91 0.75
C GLY A 69 -10.96 25.15 2.04
N PHE A 70 -10.63 25.75 3.19
CA PHE A 70 -10.60 25.02 4.44
C PHE A 70 -11.40 25.69 5.56
N ASN A 71 -11.92 26.89 5.33
CA ASN A 71 -12.57 27.70 6.37
C ASN A 71 -11.58 28.04 7.47
N PHE A 72 -10.33 28.29 7.11
CA PHE A 72 -9.38 28.77 8.09
C PHE A 72 -9.87 30.12 8.60
N GLU A 73 -9.86 30.32 9.91
CA GLU A 73 -10.40 31.54 10.49
C GLU A 73 -9.55 32.77 10.07
N ASN A 74 -10.22 33.90 9.83
CA ASN A 74 -9.65 35.06 9.18
C ASN A 74 -8.42 35.59 9.92
N ASN A 75 -8.52 35.77 11.24
CA ASN A 75 -7.42 36.34 11.99
CA ASN A 75 -7.43 36.34 12.00
C ASN A 75 -6.22 35.39 12.00
N ALA A 76 -6.50 34.08 12.16
CA ALA A 76 -5.44 33.11 12.08
C ALA A 76 -4.77 33.15 10.70
N ALA A 77 -5.57 33.34 9.65
CA ALA A 77 -5.02 33.43 8.31
C ALA A 77 -4.09 34.65 8.16
N ILE A 78 -4.50 35.76 8.76
CA ILE A 78 -3.75 37.00 8.68
C ILE A 78 -2.43 36.83 9.45
N VAL A 79 -2.48 36.21 10.62
CA VAL A 79 -1.29 36.03 11.42
C VAL A 79 -0.29 35.17 10.67
N ALA A 80 -0.74 34.04 10.13
CA ALA A 80 0.20 33.14 9.49
C ALA A 80 0.72 33.74 8.18
N THR A 81 -0.17 34.37 7.41
CA THR A 81 0.20 34.78 6.07
C THR A 81 1.25 35.91 6.11
N TYR A 82 1.01 36.93 6.91
CA TYR A 82 1.91 38.10 6.90
C TYR A 82 3.20 37.75 7.63
N LEU A 83 3.15 36.81 8.58
CA LEU A 83 4.35 36.28 9.19
C LEU A 83 5.23 35.67 8.11
N GLY A 84 4.61 34.83 7.29
CA GLY A 84 5.32 34.15 6.23
C GLY A 84 5.86 35.15 5.22
N HIS A 85 5.05 36.13 4.88
CA HIS A 85 5.39 37.11 3.87
C HIS A 85 6.50 38.06 4.36
N LEU A 86 6.37 38.60 5.56
CA LEU A 86 7.37 39.52 6.10
C LEU A 86 8.76 38.87 6.09
N LEU A 87 8.82 37.61 6.53
CA LEU A 87 10.08 36.90 6.68
C LEU A 87 10.57 36.34 5.35
N ASN A 88 9.65 35.91 4.49
CA ASN A 88 10.01 34.98 3.42
C ASN A 88 9.51 35.41 2.06
N GLY A 89 8.72 36.48 1.98
CA GLY A 89 8.19 36.91 0.70
C GLY A 89 8.91 38.15 0.18
N ASN A 90 8.53 38.53 -1.03
CA ASN A 90 9.05 39.72 -1.65
C ASN A 90 8.02 40.82 -1.46
N LEU A 91 8.38 41.83 -0.68
CA LEU A 91 7.47 42.87 -0.25
C LEU A 91 7.20 43.88 -1.35
N VAL A 92 8.08 43.93 -2.35
CA VAL A 92 7.94 44.90 -3.42
C VAL A 92 6.96 44.37 -4.45
N THR A 93 7.11 43.09 -4.83
CA THR A 93 6.22 42.46 -5.80
C THR A 93 4.95 41.92 -5.14
N ASP A 94 4.95 41.83 -3.80
CA ASP A 94 3.82 41.33 -3.02
C ASP A 94 3.57 39.85 -3.33
N LEU A 95 4.65 39.07 -3.48
CA LEU A 95 4.55 37.67 -3.85
C LEU A 95 5.33 36.82 -2.84
N LEU A 96 4.74 35.68 -2.49
CA LEU A 96 5.33 34.72 -1.55
C LEU A 96 5.32 33.34 -2.19
N SER A 97 6.49 32.69 -2.21
CA SER A 97 6.62 31.29 -2.58
C SER A 97 6.21 30.41 -1.42
N ILE A 98 5.37 29.40 -1.66
CA ILE A 98 4.94 28.50 -0.60
C ILE A 98 6.01 27.43 -0.38
N GLY A 99 7.08 27.50 -1.15
CA GLY A 99 8.20 26.58 -1.01
C GLY A 99 9.54 27.29 -1.00
N GLY A 100 10.34 27.03 -2.02
CA GLY A 100 11.71 27.51 -2.06
C GLY A 100 11.83 28.67 -3.03
N ALA A 101 13.09 28.97 -3.35
CA ALA A 101 13.44 30.11 -4.18
C ALA A 101 12.94 29.90 -5.60
N THR A 102 12.50 30.98 -6.22
CA THR A 102 11.98 30.92 -7.57
C THR A 102 12.10 32.31 -8.16
N PRO A 103 12.48 32.45 -9.45
CA PRO A 103 12.37 33.75 -10.14
C PRO A 103 10.95 34.32 -10.20
N LYS A 104 9.92 33.49 -9.95
CA LYS A 104 8.54 33.93 -10.05
C LYS A 104 8.16 34.96 -8.99
N THR A 105 8.94 35.11 -7.91
CA THR A 105 8.66 36.14 -6.90
C THR A 105 9.24 37.49 -7.34
N GLY A 106 9.98 37.51 -8.47
CA GLY A 106 10.46 38.75 -9.05
C GLY A 106 11.90 39.09 -8.62
N PRO A 107 12.37 40.33 -8.89
CA PRO A 107 13.73 40.75 -8.52
C PRO A 107 14.00 40.61 -7.02
N PRO A 108 15.12 40.01 -6.60
CA PRO A 108 15.37 39.77 -5.18
C PRO A 108 15.47 41.05 -4.35
N PRO A 109 15.10 41.00 -3.05
CA PRO A 109 15.31 42.14 -2.15
C PRO A 109 16.79 42.31 -1.81
N PRO A 110 17.22 43.45 -1.24
CA PRO A 110 18.59 43.59 -0.75
C PRO A 110 18.91 42.62 0.40
N PRO A 111 20.03 41.85 0.31
CA PRO A 111 20.45 40.96 1.40
C PRO A 111 20.67 41.78 2.66
N PRO A 112 20.48 41.23 3.87
CA PRO A 112 20.22 39.81 4.10
C PRO A 112 18.79 39.28 3.92
N ALA A 113 17.86 40.14 3.46
CA ALA A 113 16.54 39.64 3.04
C ALA A 113 16.71 38.76 1.81
N HIS A 114 15.76 37.84 1.60
CA HIS A 114 15.97 36.76 0.63
C HIS A 114 14.72 36.48 -0.21
N ALA A 115 13.50 36.64 0.34
CA ALA A 115 12.28 36.19 -0.33
C ALA A 115 12.41 34.73 -0.78
N GLY A 116 12.93 33.88 0.11
CA GLY A 116 13.32 32.52 -0.20
C GLY A 116 12.19 31.52 0.00
N GLY A 117 11.01 32.00 0.44
CA GLY A 117 9.82 31.18 0.54
C GLY A 117 9.74 30.45 1.87
N LEU A 118 8.62 29.74 2.08
CA LEU A 118 8.33 29.10 3.36
C LEU A 118 9.33 28.00 3.71
N ASN A 119 10.09 27.49 2.73
CA ASN A 119 11.14 26.52 3.01
C ASN A 119 12.27 27.08 3.89
N VAL A 120 12.45 28.39 3.95
CA VAL A 120 13.58 28.95 4.69
C VAL A 120 13.45 28.61 6.19
N HIS A 121 14.53 28.05 6.74
CA HIS A 121 14.58 27.50 8.08
C HIS A 121 15.04 28.54 9.10
N GLY A 122 14.47 28.44 10.31
CA GLY A 122 15.12 28.97 11.50
C GLY A 122 14.38 30.08 12.23
N THR A 123 13.51 30.84 11.53
CA THR A 123 12.73 31.88 12.16
CA THR A 123 12.73 31.88 12.19
C THR A 123 11.24 31.53 12.10
N PHE A 124 10.76 31.01 10.94
CA PHE A 124 9.40 30.48 10.82
C PHE A 124 9.42 28.94 10.79
N GLU A 125 9.63 28.32 9.62
CA GLU A 125 9.79 26.86 9.52
C GLU A 125 10.84 26.37 10.53
N GLY A 126 10.51 25.27 11.24
CA GLY A 126 11.39 24.69 12.22
C GLY A 126 11.12 23.20 12.43
N ASP A 127 11.53 22.69 13.61
CA ASP A 127 11.81 21.28 13.79
C ASP A 127 10.64 20.54 14.42
N ALA A 128 10.72 19.20 14.42
CA ALA A 128 9.76 18.33 15.06
C ALA A 128 8.38 18.42 14.38
N GLY A 129 8.38 18.51 13.05
CA GLY A 129 7.17 18.38 12.27
C GLY A 129 6.66 16.93 12.25
N MET A 130 5.42 16.77 11.76
CA MET A 130 4.74 15.49 11.75
C MET A 130 5.13 14.66 10.53
N THR A 131 5.18 15.28 9.33
CA THR A 131 5.48 14.53 8.12
C THR A 131 6.70 15.09 7.39
N ARG A 132 7.36 16.11 7.95
CA ARG A 132 8.59 16.64 7.38
C ARG A 132 9.72 16.49 8.39
N ALA A 133 10.93 16.17 7.92
CA ALA A 133 12.11 15.96 8.77
C ALA A 133 12.77 17.31 9.04
N ASP A 134 13.51 17.39 10.15
CA ASP A 134 14.26 18.58 10.54
C ASP A 134 15.25 18.94 9.46
N GLU A 135 15.49 20.23 9.29
CA GLU A 135 16.39 20.77 8.27
C GLU A 135 17.80 20.21 8.43
N PHE A 136 18.21 19.90 9.67
CA PHE A 136 19.53 19.35 9.93
C PHE A 136 19.79 18.12 9.08
N PHE A 137 18.75 17.30 8.83
CA PHE A 137 18.92 16.06 8.09
C PHE A 137 18.87 16.26 6.57
N GLY A 138 18.72 17.49 6.07
CA GLY A 138 18.94 17.74 4.65
C GLY A 138 17.70 18.16 3.86
N ASP A 139 16.48 17.93 4.37
CA ASP A 139 15.27 18.23 3.61
C ASP A 139 14.08 18.54 4.54
N ASN A 140 13.71 19.83 4.59
CA ASN A 140 12.70 20.27 5.55
C ASN A 140 11.31 20.44 4.91
N HIS A 141 11.16 20.11 3.62
CA HIS A 141 9.94 20.45 2.89
C HIS A 141 9.24 19.21 2.33
N SER A 142 10.00 18.16 1.96
CA SER A 142 9.44 16.98 1.34
C SER A 142 8.67 16.15 2.36
N PHE A 143 7.62 15.48 1.85
CA PHE A 143 6.97 14.45 2.61
C PHE A 143 7.98 13.35 2.92
N ASN A 144 7.92 12.84 4.16
CA ASN A 144 8.82 11.80 4.61
C ASN A 144 7.99 10.60 5.11
N GLN A 145 8.10 9.49 4.39
CA GLN A 145 7.26 8.31 4.59
C GLN A 145 7.51 7.69 5.97
N THR A 146 8.77 7.71 6.43
CA THR A 146 9.09 7.17 7.75
C THR A 146 8.31 7.92 8.82
N LEU A 147 8.26 9.25 8.70
CA LEU A 147 7.54 10.05 9.68
C LEU A 147 6.03 9.82 9.57
N PHE A 148 5.54 9.65 8.34
CA PHE A 148 4.14 9.33 8.15
C PHE A 148 3.82 7.96 8.75
N ASP A 149 4.74 6.99 8.65
CA ASP A 149 4.56 5.68 9.26
C ASP A 149 4.40 5.80 10.78
N LYS A 150 5.17 6.69 11.41
CA LYS A 150 5.03 6.95 12.85
C LYS A 150 3.67 7.60 13.15
N PHE A 151 3.20 8.49 12.26
CA PHE A 151 1.90 9.13 12.40
C PHE A 151 0.82 8.04 12.41
N VAL A 152 0.93 7.10 11.48
CA VAL A 152 0.01 5.97 11.43
C VAL A 152 0.14 5.13 12.71
N ASP A 153 1.38 4.85 13.11
CA ASP A 153 1.61 4.06 14.31
C ASP A 153 0.92 4.67 15.52
N PHE A 154 1.11 5.97 15.74
CA PHE A 154 0.53 6.65 16.88
C PHE A 154 -0.99 6.74 16.74
N SER A 155 -1.50 6.89 15.53
CA SER A 155 -2.95 6.86 15.36
C SER A 155 -3.48 5.47 15.75
N ASN A 156 -2.73 4.40 15.43
CA ASN A 156 -3.14 3.06 15.81
C ASN A 156 -3.12 2.89 17.32
N ARG A 157 -2.07 3.43 17.98
CA ARG A 157 -1.87 3.20 19.39
C ARG A 157 -2.85 3.99 20.24
N TYR A 158 -3.24 5.21 19.82
CA TYR A 158 -3.96 6.13 20.68
C TYR A 158 -5.30 6.59 20.11
N GLY A 159 -5.58 6.32 18.84
CA GLY A 159 -6.78 6.87 18.22
C GLY A 159 -7.64 5.84 17.48
N GLY A 160 -7.49 4.55 17.79
CA GLY A 160 -8.31 3.53 17.15
C GLY A 160 -7.99 3.38 15.66
N GLY A 161 -6.82 3.85 15.22
CA GLY A 161 -6.45 3.81 13.80
C GLY A 161 -6.76 5.12 13.07
N PHE A 162 -7.23 6.12 13.83
CA PHE A 162 -7.51 7.46 13.33
C PHE A 162 -6.70 8.49 14.10
N TYR A 163 -6.49 9.65 13.48
CA TYR A 163 -5.81 10.75 14.14
C TYR A 163 -6.85 11.61 14.82
N ASN A 164 -6.74 11.71 16.15
CA ASN A 164 -7.61 12.57 16.92
C ASN A 164 -6.78 13.30 17.96
N LEU A 165 -7.44 14.06 18.83
CA LEU A 165 -6.71 14.96 19.71
C LEU A 165 -5.79 14.21 20.68
N THR A 166 -6.18 13.01 21.12
CA THR A 166 -5.33 12.21 22.00
C THR A 166 -4.03 11.84 21.27
N VAL A 167 -4.16 11.43 20.00
CA VAL A 167 -2.99 11.08 19.21
C VAL A 167 -2.07 12.29 19.08
N ALA A 168 -2.65 13.46 18.81
CA ALA A 168 -1.89 14.70 18.61
C ALA A 168 -1.00 14.98 19.82
N GLY A 169 -1.56 14.85 21.02
CA GLY A 169 -0.79 15.06 22.24
C GLY A 169 0.44 14.15 22.31
N GLU A 170 0.22 12.85 22.03
CA GLU A 170 1.28 11.87 22.14
C GLU A 170 2.32 12.07 21.04
N LEU A 171 1.84 12.30 19.81
CA LEU A 171 2.77 12.39 18.69
C LEU A 171 3.66 13.61 18.84
N ARG A 172 3.09 14.74 19.25
CA ARG A 172 3.84 15.98 19.35
C ARG A 172 5.03 15.80 20.31
N TYR A 173 4.75 15.22 21.48
CA TYR A 173 5.78 15.03 22.48
C TYR A 173 6.87 14.09 21.93
N SER A 174 6.42 12.99 21.30
CA SER A 174 7.34 11.99 20.81
C SER A 174 8.25 12.56 19.73
N ARG A 175 7.70 13.44 18.89
CA ARG A 175 8.50 14.05 17.82
C ARG A 175 9.54 15.00 18.43
N ILE A 176 9.20 15.70 19.51
CA ILE A 176 10.17 16.50 20.23
C ILE A 176 11.32 15.63 20.73
N GLN A 177 10.99 14.50 21.39
CA GLN A 177 12.00 13.56 21.85
C GLN A 177 12.88 13.05 20.71
N ASP A 178 12.29 12.70 19.55
CA ASP A 178 13.09 12.25 18.42
C ASP A 178 14.14 13.29 18.10
N SER A 179 13.72 14.56 18.02
CA SER A 179 14.61 15.62 17.60
C SER A 179 15.69 15.88 18.65
N ILE A 180 15.32 15.82 19.94
CA ILE A 180 16.30 15.98 21.01
C ILE A 180 17.41 14.92 20.87
N ALA A 181 17.00 13.66 20.64
CA ALA A 181 17.91 12.53 20.60
C ALA A 181 18.79 12.51 19.35
N THR A 182 18.36 13.12 18.25
CA THR A 182 19.03 12.86 16.98
C THR A 182 19.51 14.12 16.29
N ASN A 183 19.07 15.30 16.73
CA ASN A 183 19.32 16.53 16.01
C ASN A 183 20.07 17.50 16.92
N PRO A 184 21.39 17.67 16.75
CA PRO A 184 22.17 18.53 17.63
C PRO A 184 21.94 20.03 17.44
N GLU A 185 21.29 20.43 16.33
CA GLU A 185 20.90 21.82 16.09
C GLU A 185 19.42 22.05 16.44
N PHE A 186 18.80 21.09 17.13
CA PHE A 186 17.37 21.18 17.45
C PHE A 186 17.06 22.46 18.24
N GLN A 187 16.10 23.21 17.72
CA GLN A 187 15.58 24.43 18.32
C GLN A 187 14.07 24.30 18.41
N PHE A 188 13.49 24.71 19.55
CA PHE A 188 12.06 24.64 19.74
C PHE A 188 11.61 25.81 20.58
N LYS A 189 11.75 27.01 20.03
CA LYS A 189 11.47 28.22 20.76
C LYS A 189 10.86 29.27 19.83
N ASN A 190 10.45 30.41 20.40
CA ASN A 190 9.92 31.53 19.63
C ASN A 190 8.80 31.06 18.71
N VAL A 191 8.89 31.35 17.41
CA VAL A 191 7.76 31.11 16.53
C VAL A 191 7.44 29.61 16.53
N ARG A 192 8.48 28.79 16.43
CA ARG A 192 8.30 27.37 16.25
C ARG A 192 7.59 26.77 17.44
N PHE A 193 7.89 27.24 18.65
CA PHE A 193 7.27 26.67 19.82
C PHE A 193 5.75 26.88 19.72
N ILE A 194 5.33 28.03 19.22
CA ILE A 194 3.90 28.31 19.14
C ILE A 194 3.25 27.51 17.99
N THR A 195 3.87 27.54 16.81
CA THR A 195 3.27 26.95 15.62
C THR A 195 3.23 25.43 15.74
N ALA A 196 4.18 24.82 16.45
CA ALA A 196 4.26 23.37 16.54
C ALA A 196 3.02 22.77 17.20
N TYR A 197 2.33 23.51 18.06
CA TYR A 197 1.16 22.97 18.73
C TYR A 197 -0.06 23.16 17.83
N GLY A 198 -0.20 24.33 17.22
CA GLY A 198 -1.30 24.57 16.29
C GLY A 198 -1.32 23.58 15.12
N GLU A 199 -0.14 23.26 14.57
CA GLU A 199 -0.09 22.41 13.40
CA GLU A 199 -0.07 22.41 13.40
C GLU A 199 -0.64 21.02 13.71
N THR A 200 -0.56 20.60 14.99
CA THR A 200 -0.94 19.24 15.32
C THR A 200 -2.46 19.12 15.41
N VAL A 201 -3.18 20.24 15.54
CA VAL A 201 -4.64 20.17 15.56
C VAL A 201 -5.27 20.59 14.24
N PHE A 202 -4.51 21.23 13.35
CA PHE A 202 -5.07 21.57 12.05
C PHE A 202 -5.63 20.35 11.33
N PRO A 203 -4.99 19.16 11.34
CA PRO A 203 -5.56 17.98 10.69
C PRO A 203 -6.95 17.60 11.21
N ILE A 204 -7.19 17.83 12.51
CA ILE A 204 -8.46 17.50 13.13
C ILE A 204 -9.50 18.56 12.78
N ASN A 205 -9.13 19.84 12.88
CA ASN A 205 -10.09 20.90 12.73
C ASN A 205 -10.36 21.24 11.28
N LEU A 206 -9.39 20.99 10.39
CA LEU A 206 -9.52 21.44 9.01
C LEU A 206 -9.50 20.32 7.98
N PHE A 207 -8.86 19.19 8.28
CA PHE A 207 -8.74 18.13 7.28
C PHE A 207 -9.85 17.08 7.46
N VAL A 208 -10.55 17.11 8.59
CA VAL A 208 -11.72 16.27 8.78
C VAL A 208 -12.90 16.94 8.12
N ASP A 209 -13.65 16.14 7.34
CA ASP A 209 -14.80 16.63 6.60
C ASP A 209 -15.76 17.38 7.52
N GLY A 210 -16.27 18.50 7.03
CA GLY A 210 -17.08 19.40 7.85
C GLY A 210 -18.47 18.81 8.15
N ARG A 211 -18.89 17.78 7.42
CA ARG A 211 -20.15 17.11 7.70
C ARG A 211 -20.02 16.17 8.91
N VAL A 212 -18.80 15.92 9.39
CA VAL A 212 -18.62 15.18 10.63
C VAL A 212 -18.73 16.14 11.80
N THR A 213 -19.80 16.01 12.60
CA THR A 213 -20.10 16.93 13.69
C THR A 213 -19.54 16.39 15.02
N THR A 214 -19.44 15.06 15.14
CA THR A 214 -19.14 14.43 16.41
C THR A 214 -17.95 13.48 16.24
N ASP A 215 -17.08 13.40 17.27
CA ASP A 215 -15.99 12.44 17.29
C ASP A 215 -15.11 12.67 16.05
N ARG A 216 -14.56 13.88 15.96
CA ARG A 216 -13.85 14.29 14.77
C ARG A 216 -12.49 13.62 14.76
N LYS A 217 -12.18 12.91 13.68
CA LYS A 217 -10.97 12.10 13.59
C LYS A 217 -10.63 11.92 12.12
N LEU A 218 -9.33 11.85 11.79
CA LEU A 218 -8.90 11.78 10.41
C LEU A 218 -8.43 10.37 10.06
N SER A 219 -8.93 9.82 8.95
CA SER A 219 -8.48 8.53 8.45
C SER A 219 -7.07 8.65 7.89
N MET A 220 -6.36 7.53 7.83
CA MET A 220 -5.00 7.55 7.33
C MET A 220 -4.99 7.76 5.80
N GLU A 221 -6.07 7.35 5.14
CA GLU A 221 -6.23 7.53 3.71
C GLU A 221 -6.32 9.02 3.39
N ASP A 222 -7.16 9.74 4.14
CA ASP A 222 -7.34 11.17 3.94
C ASP A 222 -6.05 11.90 4.31
N ALA A 223 -5.41 11.47 5.40
CA ALA A 223 -4.15 12.07 5.79
C ALA A 223 -3.14 11.91 4.68
N ALA A 224 -3.03 10.71 4.07
CA ALA A 224 -2.02 10.51 3.05
C ALA A 224 -2.34 11.38 1.85
N SER A 225 -3.63 11.46 1.53
CA SER A 225 -4.07 12.18 0.35
C SER A 225 -3.58 13.63 0.43
N ILE A 226 -3.72 14.25 1.60
CA ILE A 226 -3.36 15.65 1.79
C ILE A 226 -1.86 15.82 2.02
N PHE A 227 -1.31 15.10 3.00
CA PHE A 227 0.07 15.29 3.43
C PHE A 227 1.05 14.87 2.36
N ARG A 228 0.75 13.79 1.63
CA ARG A 228 1.62 13.25 0.61
C ARG A 228 1.20 13.77 -0.77
N ASP A 229 -0.07 13.63 -1.15
CA ASP A 229 -0.43 13.83 -2.55
C ASP A 229 -0.92 15.25 -2.83
N MET A 230 -1.15 16.07 -1.80
CA MET A 230 -1.63 17.44 -1.97
CA MET A 230 -1.63 17.44 -1.98
C MET A 230 -2.99 17.41 -2.66
N ARG A 231 -3.83 16.46 -2.25
CA ARG A 231 -5.11 16.18 -2.89
CA ARG A 231 -5.11 16.18 -2.89
C ARG A 231 -6.18 16.11 -1.82
N PHE A 232 -7.27 16.87 -2.02
CA PHE A 232 -8.42 16.77 -1.13
C PHE A 232 -9.02 15.38 -1.23
N PRO A 233 -9.52 14.79 -0.13
CA PRO A 233 -10.36 13.60 -0.24
C PRO A 233 -11.47 13.82 -1.27
N ASP A 234 -11.93 12.73 -1.88
CA ASP A 234 -13.10 12.79 -2.76
C ASP A 234 -14.27 13.41 -2.00
N ASP A 235 -14.96 14.34 -2.67
CA ASP A 235 -16.18 14.92 -2.14
C ASP A 235 -15.92 15.71 -0.86
N PHE A 236 -14.70 16.21 -0.66
CA PHE A 236 -14.34 16.85 0.59
C PHE A 236 -15.17 18.13 0.80
N HIS A 237 -15.75 18.21 1.98
CA HIS A 237 -16.46 19.39 2.45
C HIS A 237 -15.66 20.00 3.57
N ARG A 238 -15.39 21.31 3.47
CA ARG A 238 -14.63 22.03 4.47
C ARG A 238 -15.36 22.10 5.80
N SER A 239 -14.62 22.42 6.87
CA SER A 239 -15.15 22.69 8.19
C SER A 239 -16.43 23.53 8.10
N ALA A 240 -17.36 23.28 9.02
CA ALA A 240 -18.67 23.93 9.00
C ALA A 240 -18.62 25.30 9.67
N VAL A 241 -17.52 25.60 10.38
CA VAL A 241 -17.28 26.87 11.05
C VAL A 241 -15.84 27.29 10.80
N PRO A 242 -15.53 28.60 10.79
CA PRO A 242 -14.14 29.02 10.71
C PRO A 242 -13.38 28.37 11.84
N ALA A 243 -12.18 27.88 11.57
CA ALA A 243 -11.43 27.22 12.61
C ALA A 243 -9.93 27.37 12.39
N SER A 244 -9.18 27.02 13.43
CA SER A 244 -7.74 27.05 13.35
C SER A 244 -7.18 26.10 14.41
N ASN A 245 -6.84 26.62 15.59
CA ASN A 245 -5.99 25.91 16.52
C ASN A 245 -6.75 25.44 17.76
N GLU A 246 -8.08 25.25 17.64
CA GLU A 246 -8.87 24.76 18.76
C GLU A 246 -8.29 23.44 19.24
N GLY A 247 -7.97 23.37 20.54
CA GLY A 247 -7.50 22.14 21.16
C GLY A 247 -6.00 22.11 21.34
N ALA A 248 -5.28 23.11 20.80
CA ALA A 248 -3.82 23.11 20.89
C ALA A 248 -3.34 23.15 22.35
N ASP A 249 -4.09 23.85 23.19
CA ASP A 249 -3.89 23.90 24.63
C ASP A 249 -3.89 22.49 25.25
N GLN A 250 -4.85 21.64 24.86
CA GLN A 250 -4.94 20.30 25.40
C GLN A 250 -3.75 19.45 24.94
N VAL A 251 -3.20 19.77 23.75
CA VAL A 251 -2.07 19.02 23.24
C VAL A 251 -0.86 19.30 24.13
N LEU A 252 -0.65 20.57 24.45
CA LEU A 252 0.41 20.97 25.37
C LEU A 252 0.21 20.36 26.75
N ALA A 253 -1.01 20.39 27.27
CA ALA A 253 -1.28 19.94 28.63
C ALA A 253 -1.05 18.44 28.77
N ALA A 254 -1.26 17.66 27.71
CA ALA A 254 -1.01 16.23 27.75
C ALA A 254 0.45 15.93 28.06
N HIS A 255 1.38 16.76 27.59
CA HIS A 255 2.80 16.62 27.88
C HIS A 255 3.45 18.00 28.02
N PRO A 256 3.34 18.65 29.20
CA PRO A 256 3.88 19.99 29.37
C PRO A 256 5.34 20.07 28.93
N TRP A 257 5.63 21.17 28.23
CA TRP A 257 6.93 21.36 27.62
C TRP A 257 7.27 22.85 27.58
N VAL A 258 8.57 23.13 27.58
CA VAL A 258 9.07 24.48 27.71
C VAL A 258 9.96 24.80 26.51
N PRO A 259 9.86 26.02 25.94
CA PRO A 259 10.68 26.39 24.80
C PRO A 259 12.15 26.22 25.14
N GLY A 260 12.96 25.93 24.14
CA GLY A 260 14.38 25.71 24.33
C GLY A 260 15.00 25.05 23.11
N GLY A 261 16.09 24.32 23.34
CA GLY A 261 16.86 23.70 22.28
C GLY A 261 18.05 22.89 22.83
N ASN A 262 18.62 22.04 21.96
CA ASN A 262 19.88 21.38 22.24
C ASN A 262 20.99 22.42 22.23
N ALA A 263 21.75 22.50 23.33
CA ALA A 263 22.86 23.44 23.42
C ALA A 263 24.17 22.79 22.99
N ASP A 264 25.07 23.62 22.43
CA ASP A 264 26.47 23.31 22.19
C ASP A 264 26.63 22.16 21.20
N ASN A 265 25.73 22.12 20.21
CA ASN A 265 25.85 21.21 19.08
C ASN A 265 25.97 19.77 19.57
N GLN A 266 25.14 19.40 20.57
CA GLN A 266 25.10 18.04 21.08
C GLN A 266 23.66 17.56 21.22
N VAL A 267 23.45 16.26 20.98
CA VAL A 267 22.14 15.67 21.20
C VAL A 267 21.95 15.41 22.70
N ASN A 268 20.71 15.13 23.08
CA ASN A 268 20.32 14.83 24.45
C ASN A 268 20.80 15.91 25.42
N ASN A 269 20.68 17.17 25.02
CA ASN A 269 21.23 18.29 25.76
C ASN A 269 20.28 19.49 25.69
N TYR A 270 19.00 19.26 26.05
CA TYR A 270 17.98 20.27 25.85
C TYR A 270 17.98 21.25 27.03
N VAL A 271 18.19 22.54 26.71
CA VAL A 271 18.23 23.62 27.69
C VAL A 271 17.08 24.59 27.44
N GLU A 272 16.37 24.95 28.51
CA GLU A 272 15.23 25.85 28.44
CA GLU A 272 15.23 25.86 28.46
C GLU A 272 15.69 27.27 28.09
N ASP A 273 14.85 28.01 27.35
CA ASP A 273 15.03 29.42 27.07
C ASP A 273 13.92 30.21 27.75
N PRO A 274 14.21 30.91 28.88
CA PRO A 274 13.18 31.66 29.59
C PRO A 274 12.71 32.95 28.92
N ASP A 275 13.47 33.43 27.92
CA ASP A 275 13.11 34.63 27.15
C ASP A 275 12.18 34.34 25.97
N SER A 276 11.98 33.06 25.60
CA SER A 276 11.17 32.72 24.46
C SER A 276 9.69 33.05 24.71
N ALA A 277 8.97 33.38 23.64
CA ALA A 277 7.52 33.37 23.68
C ALA A 277 7.04 32.00 24.17
N ASP A 278 5.87 31.98 24.77
CA ASP A 278 5.17 30.74 25.09
C ASP A 278 3.70 31.12 25.11
N PHE A 279 2.83 30.21 25.57
CA PHE A 279 1.39 30.40 25.40
C PHE A 279 0.80 31.41 26.39
N THR A 280 1.53 31.78 27.46
CA THR A 280 1.06 32.86 28.33
C THR A 280 1.85 34.16 28.09
N HIS A 281 2.73 34.18 27.07
CA HIS A 281 3.55 35.35 26.75
C HIS A 281 3.63 35.52 25.22
N LEU A 282 2.46 35.61 24.57
CA LEU A 282 2.40 35.56 23.12
C LEU A 282 3.03 36.80 22.49
N CYS A 283 2.95 37.94 23.17
CA CYS A 283 3.41 39.20 22.59
C CYS A 283 4.92 39.17 22.31
N ARG A 284 5.65 38.32 23.03
CA ARG A 284 7.07 38.18 22.78
C ARG A 284 7.32 37.69 21.35
N LEU A 285 6.40 36.86 20.83
CA LEU A 285 6.52 36.36 19.47
C LEU A 285 6.44 37.54 18.51
N TYR A 286 5.49 38.47 18.74
CA TYR A 286 5.35 39.66 17.92
C TYR A 286 6.64 40.48 17.95
N GLU A 287 7.17 40.73 19.14
CA GLU A 287 8.39 41.54 19.30
C GLU A 287 9.58 40.83 18.64
N PHE A 288 9.68 39.51 18.84
CA PHE A 288 10.76 38.72 18.26
C PHE A 288 10.77 38.88 16.75
N VAL A 289 9.59 38.79 16.14
CA VAL A 289 9.48 38.78 14.69
C VAL A 289 9.78 40.17 14.15
N VAL A 290 9.33 41.22 14.83
CA VAL A 290 9.63 42.56 14.35
C VAL A 290 11.13 42.76 14.36
N GLY A 291 11.79 42.25 15.41
CA GLY A 291 13.24 42.21 15.50
C GLY A 291 13.85 41.47 14.31
N SER A 292 13.28 40.32 13.96
CA SER A 292 13.82 39.54 12.88
C SER A 292 13.68 40.30 11.58
N VAL A 293 12.57 41.02 11.41
CA VAL A 293 12.35 41.80 10.20
C VAL A 293 13.39 42.90 10.10
N GLN A 294 13.76 43.53 11.23
CA GLN A 294 14.75 44.58 11.23
C GLN A 294 16.11 44.03 10.80
N GLU A 295 16.44 42.82 11.24
CA GLU A 295 17.69 42.18 10.82
C GLU A 295 17.66 41.93 9.31
N LEU A 296 16.49 41.59 8.75
CA LEU A 296 16.36 41.33 7.33
C LEU A 296 16.40 42.64 6.54
N TYR A 297 15.82 43.70 7.12
CA TYR A 297 15.65 44.97 6.44
C TYR A 297 16.21 46.10 7.29
N PRO A 298 17.56 46.21 7.42
CA PRO A 298 18.17 47.16 8.35
C PRO A 298 17.98 48.63 7.97
N ASN A 299 17.88 48.96 6.67
CA ASN A 299 17.72 50.37 6.28
C ASN A 299 16.94 50.53 4.98
N PRO A 300 15.65 50.14 4.94
CA PRO A 300 14.88 50.27 3.70
C PRO A 300 14.45 51.70 3.41
N THR A 301 14.29 52.00 2.11
CA THR A 301 13.75 53.28 1.64
C THR A 301 12.78 53.02 0.50
N GLY A 302 12.10 54.06 0.04
CA GLY A 302 11.24 53.98 -1.14
C GLY A 302 10.06 52.99 -0.95
N ILE A 303 9.72 52.28 -2.03
CA ILE A 303 8.56 51.39 -2.05
C ILE A 303 8.76 50.25 -1.05
N LEU A 304 10.00 49.74 -0.92
CA LEU A 304 10.26 48.67 0.02
C LEU A 304 9.90 49.14 1.43
N ARG A 305 10.31 50.34 1.83
CA ARG A 305 10.00 50.84 3.16
CA ARG A 305 10.00 50.86 3.15
C ARG A 305 8.49 50.98 3.30
N ARG A 306 7.82 51.53 2.30
CA ARG A 306 6.40 51.77 2.36
C ARG A 306 5.66 50.43 2.51
N ASN A 307 6.08 49.42 1.76
CA ASN A 307 5.40 48.14 1.77
C ASN A 307 5.69 47.38 3.06
N LEU A 308 6.90 47.57 3.62
CA LEU A 308 7.23 47.02 4.92
C LEU A 308 6.30 47.57 5.99
N ILE A 309 6.11 48.89 5.97
CA ILE A 309 5.27 49.53 6.97
C ILE A 309 3.84 48.99 6.87
N LYS A 310 3.31 48.87 5.66
CA LYS A 310 1.94 48.40 5.46
C LYS A 310 1.78 46.94 5.90
N ASN A 311 2.72 46.09 5.51
CA ASN A 311 2.63 44.68 5.84
C ASN A 311 2.75 44.48 7.36
N LEU A 312 3.61 45.27 8.00
CA LEU A 312 3.79 45.17 9.43
C LEU A 312 2.49 45.55 10.11
N HIS A 313 1.83 46.61 9.65
CA HIS A 313 0.54 47.03 10.19
C HIS A 313 -0.50 45.95 9.98
N TYR A 314 -0.59 45.41 8.76
CA TYR A 314 -1.55 44.34 8.48
C TYR A 314 -1.33 43.19 9.46
N TRP A 315 -0.07 42.81 9.68
CA TRP A 315 0.21 41.68 10.54
C TRP A 315 -0.28 42.00 11.96
N TRP A 316 0.01 43.21 12.43
CA TRP A 316 -0.37 43.64 13.75
C TRP A 316 -1.90 43.54 13.91
N THR A 317 -2.68 43.86 12.88
CA THR A 317 -4.13 43.85 13.04
C THR A 317 -4.59 42.44 13.41
N GLY A 318 -3.94 41.42 12.85
CA GLY A 318 -4.26 40.05 13.22
C GLY A 318 -3.71 39.69 14.59
N VAL A 319 -2.45 40.03 14.82
CA VAL A 319 -1.77 39.69 16.06
C VAL A 319 -2.52 40.29 17.23
N ASN A 320 -3.00 41.51 17.06
CA ASN A 320 -3.60 42.25 18.18
C ASN A 320 -4.78 41.47 18.70
N VAL A 321 -5.58 40.87 17.81
CA VAL A 321 -6.71 40.06 18.22
C VAL A 321 -6.21 38.70 18.71
N ALA A 322 -5.35 38.03 17.95
CA ALA A 322 -5.05 36.64 18.23
C ALA A 322 -4.28 36.51 19.55
N PHE A 323 -3.42 37.49 19.84
CA PHE A 323 -2.55 37.39 21.00
C PHE A 323 -3.18 38.11 22.19
N GLY A 324 -4.36 38.73 22.02
CA GLY A 324 -5.09 39.34 23.11
C GLY A 324 -4.55 40.71 23.51
N GLY A 325 -4.09 41.51 22.53
CA GLY A 325 -3.62 42.88 22.74
C GLY A 325 -2.10 42.93 22.77
N CYS A 326 -1.46 43.56 21.75
CA CYS A 326 -0.04 43.83 21.76
C CYS A 326 0.18 45.28 21.34
N ASP A 327 1.15 45.95 21.95
CA ASP A 327 1.49 47.31 21.55
C ASP A 327 2.15 47.26 20.18
N GLU A 328 1.57 48.00 19.23
CA GLU A 328 2.14 48.07 17.88
C GLU A 328 3.53 48.70 17.92
N LEU A 329 4.48 48.10 17.21
CA LEU A 329 5.81 48.68 17.00
C LEU A 329 5.88 49.32 15.62
N PHE A 330 6.72 50.37 15.52
CA PHE A 330 6.87 51.13 14.30
C PHE A 330 8.35 51.27 13.96
N PRO A 331 9.06 50.18 13.64
CA PRO A 331 10.50 50.24 13.43
C PRO A 331 10.94 51.14 12.27
N TYR A 332 10.02 51.45 11.34
CA TYR A 332 10.33 52.32 10.21
C TYR A 332 9.45 53.57 10.23
N GLY A 333 8.93 53.92 11.40
CA GLY A 333 8.02 55.05 11.52
C GLY A 333 6.69 54.80 10.81
N GLN A 334 6.12 55.89 10.27
CA GLN A 334 4.81 55.90 9.64
CA GLN A 334 4.80 55.88 9.64
C GLN A 334 4.93 56.32 8.20
N LEU A 335 3.83 56.18 7.44
CA LEU A 335 3.83 56.45 6.01
C LEU A 335 4.11 57.94 5.70
N GLN B 1 18.06 -12.79 -21.46
CA GLN B 1 17.75 -12.29 -22.83
C GLN B 1 16.39 -12.82 -23.28
N GLY B 2 16.31 -14.14 -23.48
CA GLY B 2 15.11 -14.81 -23.96
C GLY B 2 14.45 -15.61 -22.85
N VAL B 3 13.12 -15.48 -22.76
CA VAL B 3 12.33 -16.04 -21.70
C VAL B 3 11.53 -17.21 -22.26
N ASP B 4 11.21 -18.17 -21.38
CA ASP B 4 10.25 -19.23 -21.66
C ASP B 4 8.90 -18.80 -21.03
N PRO B 5 7.91 -18.32 -21.83
CA PRO B 5 6.72 -17.66 -21.28
C PRO B 5 5.71 -18.64 -20.70
N PRO B 6 5.27 -18.48 -19.43
CA PRO B 6 4.40 -19.45 -18.78
C PRO B 6 2.98 -19.25 -19.28
N PRO B 7 2.08 -20.24 -19.09
CA PRO B 7 0.69 -20.08 -19.48
C PRO B 7 0.06 -18.97 -18.66
N PRO B 8 -1.05 -18.38 -19.13
CA PRO B 8 -1.71 -17.31 -18.38
C PRO B 8 -2.27 -17.85 -17.08
N PRO B 9 -2.35 -16.99 -16.05
CA PRO B 9 -3.05 -17.32 -14.81
C PRO B 9 -4.49 -17.65 -15.13
N GLY B 10 -5.10 -18.47 -14.27
CA GLY B 10 -6.54 -18.69 -14.27
C GLY B 10 -7.23 -17.57 -13.48
N PRO B 11 -8.54 -17.71 -13.18
CA PRO B 11 -9.25 -16.72 -12.36
C PRO B 11 -8.60 -16.57 -10.98
N PRO B 12 -8.82 -15.45 -10.28
CA PRO B 12 -8.33 -15.31 -8.90
C PRO B 12 -9.10 -16.27 -7.99
N SER B 13 -8.38 -16.81 -6.98
CA SER B 13 -8.97 -17.64 -5.94
C SER B 13 -10.23 -17.01 -5.37
N PHE B 14 -10.14 -15.73 -4.97
CA PHE B 14 -11.26 -14.97 -4.42
C PHE B 14 -11.79 -14.03 -5.50
N THR B 15 -13.10 -14.11 -5.78
CA THR B 15 -13.69 -13.39 -6.90
C THR B 15 -14.72 -12.37 -6.41
N GLY B 16 -14.78 -12.13 -5.08
CA GLY B 16 -15.74 -11.16 -4.56
C GLY B 16 -15.20 -9.73 -4.60
N THR B 17 -16.01 -8.78 -4.12
CA THR B 17 -15.60 -7.39 -3.97
C THR B 17 -14.54 -7.29 -2.87
N LYS B 18 -13.71 -6.25 -2.95
CA LYS B 18 -12.72 -5.96 -1.93
C LYS B 18 -12.13 -4.59 -2.22
N LEU B 19 -11.47 -4.03 -1.21
CA LEU B 19 -10.82 -2.75 -1.32
C LEU B 19 -9.60 -2.94 -2.21
N VAL B 20 -9.50 -2.16 -3.29
CA VAL B 20 -8.36 -2.29 -4.18
C VAL B 20 -7.49 -1.06 -4.08
N ASN B 21 -8.09 0.08 -3.72
CA ASN B 21 -7.32 1.29 -3.46
C ASN B 21 -6.80 1.25 -2.02
N ASP B 22 -5.72 0.51 -1.79
CA ASP B 22 -5.28 0.20 -0.43
C ASP B 22 -3.84 0.66 -0.23
N ALA B 23 -3.28 0.39 0.95
CA ALA B 23 -2.00 0.96 1.33
C ALA B 23 -0.85 0.26 0.60
N ASP B 24 -1.02 -1.01 0.23
CA ASP B 24 0.00 -1.66 -0.59
C ASP B 24 0.00 -1.15 -2.03
N HIS B 25 -1.09 -0.49 -2.47
CA HIS B 25 -1.26 -0.12 -3.87
C HIS B 25 -1.63 1.37 -3.98
N PRO B 26 -0.73 2.26 -3.53
CA PRO B 26 -1.01 3.68 -3.52
C PRO B 26 -0.75 4.34 -4.85
N TRP B 27 -1.57 5.35 -5.14
CA TRP B 27 -1.30 6.16 -6.31
C TRP B 27 0.02 6.88 -6.09
N GLN B 28 0.83 6.97 -7.14
CA GLN B 28 2.06 7.74 -7.10
C GLN B 28 2.21 8.44 -8.43
N PRO B 29 2.84 9.63 -8.45
CA PRO B 29 3.04 10.36 -9.70
C PRO B 29 4.05 9.67 -10.60
N LEU B 30 4.03 10.04 -11.89
CA LEU B 30 4.95 9.53 -12.88
C LEU B 30 6.38 9.96 -12.58
N ARG B 31 7.33 9.03 -12.76
CA ARG B 31 8.75 9.32 -12.75
C ARG B 31 9.27 9.32 -14.18
N GLU B 32 10.55 9.69 -14.32
CA GLU B 32 11.29 9.65 -15.58
C GLU B 32 11.13 8.29 -16.25
N GLY B 33 10.71 8.32 -17.53
CA GLY B 33 10.63 7.13 -18.38
C GLY B 33 9.47 6.16 -18.06
N ASP B 34 8.56 6.54 -17.15
CA ASP B 34 7.35 5.77 -16.91
C ASP B 34 6.45 5.88 -18.14
N ILE B 35 5.83 4.76 -18.53
CA ILE B 35 5.04 4.71 -19.75
C ILE B 35 3.56 4.62 -19.39
N ARG B 36 2.77 5.43 -20.09
CA ARG B 36 1.32 5.34 -19.99
C ARG B 36 0.79 5.46 -21.41
N GLY B 37 -0.45 4.99 -21.62
CA GLY B 37 -0.95 4.84 -22.97
C GLY B 37 -2.45 5.01 -23.04
N PRO B 38 -3.11 4.38 -24.03
CA PRO B 38 -4.50 4.67 -24.35
C PRO B 38 -5.52 3.99 -23.45
N CYS B 39 -5.06 3.08 -22.58
CA CYS B 39 -5.96 2.31 -21.72
C CYS B 39 -6.03 2.88 -20.31
N PRO B 40 -7.20 3.41 -19.89
CA PRO B 40 -7.31 3.94 -18.53
C PRO B 40 -7.20 2.85 -17.48
N GLY B 41 -7.62 1.61 -17.83
CA GLY B 41 -7.51 0.49 -16.90
C GLY B 41 -6.06 0.18 -16.54
N LEU B 42 -5.27 -0.14 -17.57
CA LEU B 42 -3.86 -0.43 -17.38
C LEU B 42 -3.12 0.76 -16.78
N ASN B 43 -3.43 1.98 -17.26
CA ASN B 43 -2.81 3.18 -16.72
C ASN B 43 -3.04 3.29 -15.21
N THR B 44 -4.28 3.06 -14.77
CA THR B 44 -4.58 3.16 -13.35
C THR B 44 -3.85 2.06 -12.59
N LEU B 45 -3.82 0.84 -13.13
CA LEU B 45 -3.12 -0.24 -12.47
C LEU B 45 -1.62 0.04 -12.35
N ALA B 46 -1.03 0.63 -13.38
CA ALA B 46 0.39 1.00 -13.30
C ALA B 46 0.62 2.08 -12.24
N SER B 47 -0.27 3.08 -12.19
CA SER B 47 -0.08 4.20 -11.29
C SER B 47 -0.39 3.84 -9.83
N HIS B 48 -1.05 2.71 -9.57
CA HIS B 48 -1.23 2.21 -8.22
C HIS B 48 -0.33 1.00 -7.90
N GLY B 49 0.58 0.64 -8.81
CA GLY B 49 1.55 -0.42 -8.52
C GLY B 49 0.97 -1.84 -8.60
N TYR B 50 -0.24 -2.02 -9.16
CA TYR B 50 -0.73 -3.34 -9.50
C TYR B 50 0.08 -3.94 -10.65
N LEU B 51 0.51 -3.09 -11.57
CA LEU B 51 1.50 -3.36 -12.61
C LEU B 51 2.76 -2.62 -12.22
N PRO B 52 3.94 -3.01 -12.77
CA PRO B 52 5.14 -2.18 -12.67
C PRO B 52 4.83 -0.73 -13.02
N ARG B 53 5.32 0.20 -12.20
CA ARG B 53 4.95 1.61 -12.30
C ARG B 53 5.51 2.23 -13.55
N ASP B 54 6.49 1.57 -14.18
CA ASP B 54 7.08 2.09 -15.41
C ASP B 54 6.21 1.74 -16.62
N GLY B 55 5.17 0.93 -16.46
CA GLY B 55 4.21 0.73 -17.52
C GLY B 55 4.66 -0.33 -18.53
N VAL B 56 5.62 -1.18 -18.14
CA VAL B 56 6.10 -2.27 -18.98
C VAL B 56 5.98 -3.55 -18.17
N ALA B 57 5.25 -4.53 -18.70
CA ALA B 57 4.88 -5.71 -17.93
C ALA B 57 4.83 -6.96 -18.81
N THR B 58 4.85 -8.13 -18.17
CA THR B 58 4.63 -9.39 -18.85
C THR B 58 3.13 -9.56 -19.02
N PRO B 59 2.71 -10.39 -19.99
CA PRO B 59 1.30 -10.76 -20.11
C PRO B 59 0.71 -11.28 -18.82
N ALA B 60 1.48 -12.13 -18.14
CA ALA B 60 1.00 -12.72 -16.89
C ALA B 60 0.73 -11.62 -15.86
N GLN B 61 1.61 -10.63 -15.75
CA GLN B 61 1.42 -9.54 -14.80
C GLN B 61 0.17 -8.74 -15.15
N ILE B 62 -0.09 -8.52 -16.45
CA ILE B 62 -1.22 -7.74 -16.89
C ILE B 62 -2.51 -8.46 -16.51
N ILE B 63 -2.52 -9.76 -16.75
CA ILE B 63 -3.70 -10.54 -16.48
C ILE B 63 -4.00 -10.53 -14.97
N THR B 64 -3.01 -10.80 -14.13
CA THR B 64 -3.27 -10.86 -12.69
CA THR B 64 -3.29 -10.87 -12.69
C THR B 64 -3.69 -9.47 -12.20
N ALA B 65 -3.04 -8.42 -12.70
CA ALA B 65 -3.38 -7.05 -12.31
C ALA B 65 -4.82 -6.69 -12.67
N THR B 66 -5.30 -7.01 -13.87
CA THR B 66 -6.64 -6.63 -14.25
C THR B 66 -7.66 -7.41 -13.41
N GLN B 67 -7.31 -8.63 -13.01
CA GLN B 67 -8.17 -9.42 -12.15
C GLN B 67 -8.16 -8.88 -10.72
N GLU B 68 -6.97 -8.67 -10.14
CA GLU B 68 -6.86 -8.22 -8.77
C GLU B 68 -7.50 -6.84 -8.62
N GLY B 69 -7.21 -5.94 -9.56
CA GLY B 69 -7.57 -4.53 -9.44
C GLY B 69 -9.04 -4.26 -9.79
N PHE B 70 -9.57 -4.96 -10.79
CA PHE B 70 -10.88 -4.61 -11.32
C PHE B 70 -11.83 -5.80 -11.41
N ASN B 71 -11.34 -7.01 -11.12
CA ASN B 71 -12.11 -8.24 -11.34
C ASN B 71 -12.48 -8.39 -12.80
N PHE B 72 -11.56 -8.01 -13.69
CA PHE B 72 -11.76 -8.29 -15.10
C PHE B 72 -11.81 -9.80 -15.28
N GLU B 73 -12.80 -10.30 -16.02
CA GLU B 73 -12.99 -11.74 -16.17
C GLU B 73 -11.80 -12.36 -16.90
N ASN B 74 -11.41 -13.56 -16.49
CA ASN B 74 -10.15 -14.21 -16.86
C ASN B 74 -10.00 -14.34 -18.38
N ASN B 75 -11.04 -14.86 -19.05
CA ASN B 75 -10.95 -15.10 -20.48
C ASN B 75 -10.88 -13.78 -21.23
N ALA B 76 -11.67 -12.78 -20.79
CA ALA B 76 -11.59 -11.45 -21.38
C ALA B 76 -10.18 -10.89 -21.20
N ALA B 77 -9.57 -11.12 -20.04
CA ALA B 77 -8.21 -10.65 -19.80
C ALA B 77 -7.21 -11.32 -20.75
N ILE B 78 -7.40 -12.62 -20.97
CA ILE B 78 -6.50 -13.38 -21.83
C ILE B 78 -6.64 -12.90 -23.27
N VAL B 79 -7.88 -12.68 -23.72
CA VAL B 79 -8.13 -12.23 -25.07
C VAL B 79 -7.47 -10.88 -25.30
N ALA B 80 -7.66 -9.93 -24.38
CA ALA B 80 -7.12 -8.60 -24.59
C ALA B 80 -5.60 -8.61 -24.49
N THR B 81 -5.07 -9.33 -23.51
CA THR B 81 -3.65 -9.22 -23.19
C THR B 81 -2.79 -9.81 -24.32
N TYR B 82 -3.13 -11.03 -24.77
CA TYR B 82 -2.28 -11.70 -25.75
C TYR B 82 -2.48 -11.08 -27.13
N LEU B 83 -3.67 -10.50 -27.39
CA LEU B 83 -3.86 -9.72 -28.60
C LEU B 83 -2.88 -8.57 -28.61
N GLY B 84 -2.83 -7.85 -27.49
CA GLY B 84 -1.93 -6.72 -27.37
C GLY B 84 -0.47 -7.14 -27.50
N HIS B 85 -0.14 -8.23 -26.84
CA HIS B 85 1.23 -8.73 -26.82
C HIS B 85 1.69 -9.25 -28.20
N LEU B 86 0.87 -10.07 -28.86
CA LEU B 86 1.25 -10.65 -30.14
C LEU B 86 1.55 -9.54 -31.13
N LEU B 87 0.69 -8.52 -31.16
CA LEU B 87 0.80 -7.45 -32.12
C LEU B 87 1.87 -6.43 -31.72
N ASN B 88 2.02 -6.19 -30.40
CA ASN B 88 2.66 -4.96 -29.95
C ASN B 88 3.75 -5.18 -28.91
N GLY B 89 3.89 -6.41 -28.41
CA GLY B 89 4.91 -6.70 -27.42
C GLY B 89 6.14 -7.37 -28.03
N ASN B 90 7.11 -7.57 -27.15
CA ASN B 90 8.33 -8.28 -27.52
C ASN B 90 8.19 -9.70 -27.03
N LEU B 91 8.13 -10.64 -27.98
CA LEU B 91 7.80 -12.03 -27.66
C LEU B 91 9.00 -12.78 -27.10
N VAL B 92 10.21 -12.25 -27.31
CA VAL B 92 11.41 -12.90 -26.82
C VAL B 92 11.60 -12.58 -25.34
N THR B 93 11.46 -11.29 -24.98
CA THR B 93 11.62 -10.83 -23.61
C THR B 93 10.33 -10.99 -22.82
N ASP B 94 9.21 -11.23 -23.50
CA ASP B 94 7.91 -11.42 -22.86
C ASP B 94 7.46 -10.13 -22.18
N LEU B 95 7.69 -8.98 -22.81
CA LEU B 95 7.38 -7.69 -22.22
C LEU B 95 6.55 -6.87 -23.20
N LEU B 96 5.55 -6.16 -22.66
CA LEU B 96 4.68 -5.29 -23.41
C LEU B 96 4.63 -3.91 -22.76
N SER B 97 4.86 -2.87 -23.55
CA SER B 97 4.66 -1.49 -23.14
C SER B 97 3.17 -1.15 -23.23
N ILE B 98 2.61 -0.54 -22.17
CA ILE B 98 1.20 -0.19 -22.19
C ILE B 98 1.01 1.13 -22.93
N GLY B 99 2.11 1.69 -23.43
CA GLY B 99 2.04 2.90 -24.23
C GLY B 99 2.88 2.76 -25.50
N GLY B 100 3.94 3.57 -25.60
CA GLY B 100 4.74 3.67 -26.80
C GLY B 100 6.05 2.92 -26.65
N ALA B 101 6.95 3.17 -27.60
CA ALA B 101 8.21 2.45 -27.71
C ALA B 101 9.12 2.81 -26.55
N THR B 102 9.90 1.84 -26.09
CA THR B 102 10.76 2.05 -24.96
C THR B 102 11.88 1.02 -25.04
N PRO B 103 13.14 1.37 -24.69
CA PRO B 103 14.17 0.34 -24.49
C PRO B 103 13.88 -0.69 -23.41
N LYS B 104 12.91 -0.40 -22.52
CA LYS B 104 12.59 -1.29 -21.42
C LYS B 104 12.00 -2.62 -21.90
N THR B 105 11.49 -2.72 -23.14
CA THR B 105 10.97 -3.99 -23.66
C THR B 105 12.11 -4.85 -24.18
N GLY B 106 13.34 -4.30 -24.22
CA GLY B 106 14.53 -5.07 -24.54
C GLY B 106 14.94 -4.91 -26.01
N PRO B 107 15.88 -5.75 -26.51
CA PRO B 107 16.32 -5.66 -27.91
C PRO B 107 15.16 -5.80 -28.89
N PRO B 108 15.03 -4.91 -29.90
CA PRO B 108 13.86 -4.93 -30.79
C PRO B 108 13.75 -6.21 -31.63
N PRO B 109 12.54 -6.62 -32.05
CA PRO B 109 12.37 -7.79 -32.91
C PRO B 109 12.80 -7.46 -34.35
N PRO B 110 13.01 -8.47 -35.22
CA PRO B 110 13.22 -8.21 -36.65
C PRO B 110 12.02 -7.53 -37.32
N PRO B 111 12.24 -6.42 -38.07
CA PRO B 111 11.18 -5.76 -38.82
C PRO B 111 10.56 -6.76 -39.80
N PRO B 112 9.27 -6.63 -40.20
CA PRO B 112 8.42 -5.49 -39.83
C PRO B 112 7.71 -5.53 -38.47
N ALA B 113 8.08 -6.49 -37.62
CA ALA B 113 7.66 -6.45 -36.22
C ALA B 113 8.33 -5.25 -35.54
N HIS B 114 7.72 -4.77 -34.45
CA HIS B 114 8.11 -3.50 -33.85
C HIS B 114 8.18 -3.52 -32.33
N ALA B 115 7.30 -4.29 -31.65
CA ALA B 115 7.14 -4.23 -30.20
C ALA B 115 6.97 -2.76 -29.72
N GLY B 116 6.10 -2.03 -30.41
CA GLY B 116 5.97 -0.59 -30.24
C GLY B 116 4.92 -0.20 -29.17
N GLY B 117 4.29 -1.20 -28.53
CA GLY B 117 3.38 -0.98 -27.43
C GLY B 117 1.95 -0.71 -27.91
N LEU B 118 1.02 -0.55 -26.94
CA LEU B 118 -0.40 -0.41 -27.21
C LEU B 118 -0.72 0.87 -27.98
N ASN B 119 0.20 1.85 -28.01
CA ASN B 119 -0.02 3.06 -28.78
C ASN B 119 -0.06 2.79 -30.29
N VAL B 120 0.52 1.68 -30.76
CA VAL B 120 0.59 1.43 -32.19
C VAL B 120 -0.82 1.29 -32.78
N HIS B 121 -1.06 2.09 -33.84
CA HIS B 121 -2.36 2.27 -34.44
C HIS B 121 -2.59 1.27 -35.57
N GLY B 122 -3.85 0.84 -35.72
CA GLY B 122 -4.33 0.34 -37.00
C GLY B 122 -4.79 -1.12 -36.99
N THR B 123 -4.26 -1.96 -36.07
CA THR B 123 -4.69 -3.35 -36.00
C THR B 123 -5.44 -3.60 -34.69
N PHE B 124 -4.91 -3.08 -33.56
CA PHE B 124 -5.60 -3.08 -32.27
C PHE B 124 -6.17 -1.69 -31.97
N GLU B 125 -5.34 -0.77 -31.44
CA GLU B 125 -5.77 0.59 -31.15
C GLU B 125 -6.40 1.20 -32.41
N GLY B 126 -7.55 1.85 -32.24
CA GLY B 126 -8.24 2.49 -33.35
C GLY B 126 -9.13 3.65 -32.88
N ASP B 127 -10.11 3.98 -33.71
CA ASP B 127 -10.72 5.30 -33.75
C ASP B 127 -12.03 5.34 -32.95
N ALA B 128 -12.56 6.56 -32.77
CA ALA B 128 -13.84 6.83 -32.13
C ALA B 128 -13.83 6.39 -30.66
N GLY B 129 -12.71 6.67 -29.99
CA GLY B 129 -12.63 6.47 -28.55
C GLY B 129 -13.40 7.54 -27.80
N MET B 130 -13.57 7.31 -26.49
CA MET B 130 -14.35 8.15 -25.61
C MET B 130 -13.54 9.35 -25.13
N THR B 131 -12.30 9.13 -24.70
CA THR B 131 -11.50 10.18 -24.08
C THR B 131 -10.17 10.34 -24.81
N ARG B 132 -9.93 9.56 -25.87
CA ARG B 132 -8.73 9.70 -26.69
C ARG B 132 -9.13 10.04 -28.12
N ALA B 133 -8.36 10.90 -28.80
CA ALA B 133 -8.63 11.34 -30.15
C ALA B 133 -8.05 10.33 -31.15
N ASP B 134 -8.61 10.30 -32.37
CA ASP B 134 -8.13 9.45 -33.45
C ASP B 134 -6.67 9.77 -33.75
N GLU B 135 -5.92 8.74 -34.16
CA GLU B 135 -4.50 8.86 -34.46
C GLU B 135 -4.24 9.87 -35.58
N PHE B 136 -5.20 10.01 -36.50
CA PHE B 136 -5.11 10.97 -37.59
C PHE B 136 -4.80 12.38 -37.07
N PHE B 137 -5.34 12.75 -35.90
CA PHE B 137 -5.18 14.09 -35.37
C PHE B 137 -3.88 14.25 -34.56
N GLY B 138 -3.05 13.21 -34.43
CA GLY B 138 -1.69 13.41 -33.94
C GLY B 138 -1.37 12.75 -32.59
N ASP B 139 -2.41 12.39 -31.80
CA ASP B 139 -2.20 11.82 -30.48
C ASP B 139 -3.34 10.87 -30.10
N ASN B 140 -3.03 9.57 -30.08
CA ASN B 140 -4.04 8.55 -29.88
C ASN B 140 -4.03 8.01 -28.45
N HIS B 141 -3.18 8.55 -27.58
CA HIS B 141 -2.94 7.96 -26.26
C HIS B 141 -3.30 8.92 -25.10
N SER B 142 -3.13 10.23 -25.30
CA SER B 142 -3.35 11.20 -24.24
C SER B 142 -4.83 11.37 -23.95
N PHE B 143 -5.13 11.65 -22.68
CA PHE B 143 -6.43 12.13 -22.29
C PHE B 143 -6.71 13.44 -23.04
N ASN B 144 -7.94 13.57 -23.53
CA ASN B 144 -8.37 14.72 -24.28
C ASN B 144 -9.61 15.30 -23.61
N GLN B 145 -9.45 16.51 -23.05
CA GLN B 145 -10.44 17.18 -22.23
C GLN B 145 -11.70 17.50 -23.02
N THR B 146 -11.55 17.87 -24.30
CA THR B 146 -12.68 18.19 -25.15
C THR B 146 -13.58 16.97 -25.28
N LEU B 147 -12.96 15.80 -25.47
CA LEU B 147 -13.73 14.58 -25.59
C LEU B 147 -14.38 14.21 -24.26
N PHE B 148 -13.67 14.44 -23.17
CA PHE B 148 -14.24 14.20 -21.86
C PHE B 148 -15.41 15.14 -21.60
N ASP B 149 -15.34 16.39 -22.11
CA ASP B 149 -16.46 17.33 -21.99
C ASP B 149 -17.69 16.79 -22.71
N LYS B 150 -17.51 16.16 -23.87
CA LYS B 150 -18.63 15.54 -24.57
C LYS B 150 -19.18 14.35 -23.77
N PHE B 151 -18.30 13.58 -23.12
CA PHE B 151 -18.71 12.47 -22.25
C PHE B 151 -19.63 13.01 -21.14
N VAL B 152 -19.21 14.10 -20.53
CA VAL B 152 -20.01 14.75 -19.50
C VAL B 152 -21.33 15.25 -20.10
N ASP B 153 -21.25 15.89 -21.27
CA ASP B 153 -22.42 16.43 -21.92
C ASP B 153 -23.47 15.33 -22.13
N PHE B 154 -23.04 14.21 -22.70
CA PHE B 154 -23.96 13.11 -22.98
C PHE B 154 -24.46 12.47 -21.70
N SER B 155 -23.62 12.42 -20.66
CA SER B 155 -24.12 11.91 -19.39
C SER B 155 -25.21 12.83 -18.86
N ASN B 156 -25.05 14.15 -19.05
CA ASN B 156 -26.07 15.11 -18.61
C ASN B 156 -27.36 14.91 -19.40
N ARG B 157 -27.26 14.74 -20.72
CA ARG B 157 -28.41 14.69 -21.60
C ARG B 157 -29.21 13.40 -21.42
N TYR B 158 -28.54 12.26 -21.17
CA TYR B 158 -29.19 10.96 -21.25
C TYR B 158 -29.09 10.13 -19.98
N GLY B 159 -28.28 10.54 -19.00
CA GLY B 159 -28.07 9.72 -17.82
C GLY B 159 -28.25 10.46 -16.50
N GLY B 160 -28.95 11.61 -16.50
CA GLY B 160 -29.19 12.31 -15.24
C GLY B 160 -27.91 12.90 -14.65
N GLY B 161 -26.86 13.09 -15.47
CA GLY B 161 -25.57 13.57 -14.99
C GLY B 161 -24.58 12.44 -14.66
N PHE B 162 -24.99 11.21 -14.94
CA PHE B 162 -24.18 10.01 -14.71
C PHE B 162 -24.03 9.24 -16.01
N TYR B 163 -22.94 8.46 -16.12
CA TYR B 163 -22.74 7.60 -17.26
C TYR B 163 -23.38 6.25 -16.95
N ASN B 164 -24.37 5.89 -17.77
CA ASN B 164 -25.03 4.59 -17.65
C ASN B 164 -25.19 4.02 -19.06
N LEU B 165 -25.87 2.89 -19.16
CA LEU B 165 -25.92 2.18 -20.42
C LEU B 165 -26.64 2.98 -21.52
N THR B 166 -27.66 3.78 -21.16
CA THR B 166 -28.33 4.64 -22.14
C THR B 166 -27.34 5.66 -22.72
N VAL B 167 -26.53 6.25 -21.85
CA VAL B 167 -25.54 7.22 -22.31
C VAL B 167 -24.55 6.53 -23.25
N ALA B 168 -24.09 5.33 -22.87
CA ALA B 168 -23.11 4.58 -23.64
C ALA B 168 -23.59 4.39 -25.08
N GLY B 169 -24.86 4.00 -25.25
CA GLY B 169 -25.41 3.84 -26.59
C GLY B 169 -25.34 5.13 -27.42
N GLU B 170 -25.72 6.25 -26.79
CA GLU B 170 -25.76 7.52 -27.51
C GLU B 170 -24.35 8.00 -27.81
N LEU B 171 -23.46 7.91 -26.82
CA LEU B 171 -22.13 8.46 -26.99
C LEU B 171 -21.37 7.68 -28.07
N ARG B 172 -21.51 6.35 -28.07
CA ARG B 172 -20.77 5.52 -29.01
C ARG B 172 -21.11 5.91 -30.45
N TYR B 173 -22.40 6.01 -30.74
CA TYR B 173 -22.85 6.35 -32.07
C TYR B 173 -22.36 7.74 -32.47
N SER B 174 -22.46 8.69 -31.53
CA SER B 174 -22.10 10.07 -31.81
C SER B 174 -20.62 10.19 -32.08
N ARG B 175 -19.80 9.40 -31.38
CA ARG B 175 -18.36 9.44 -31.59
C ARG B 175 -18.02 8.87 -32.97
N ILE B 176 -18.77 7.85 -33.41
CA ILE B 176 -18.59 7.35 -34.76
C ILE B 176 -18.87 8.45 -35.78
N GLN B 177 -20.02 9.13 -35.63
CA GLN B 177 -20.36 10.27 -36.51
C GLN B 177 -19.27 11.34 -36.51
N ASP B 178 -18.71 11.71 -35.34
CA ASP B 178 -17.64 12.69 -35.31
C ASP B 178 -16.49 12.25 -36.21
N SER B 179 -16.09 10.97 -36.08
CA SER B 179 -14.94 10.48 -36.81
C SER B 179 -15.24 10.41 -38.31
N ILE B 180 -16.47 10.02 -38.69
CA ILE B 180 -16.86 10.00 -40.09
C ILE B 180 -16.70 11.40 -40.69
N ALA B 181 -17.18 12.42 -39.97
CA ALA B 181 -17.26 13.79 -40.46
C ALA B 181 -15.88 14.45 -40.52
N THR B 182 -14.91 14.00 -39.71
CA THR B 182 -13.70 14.81 -39.55
C THR B 182 -12.43 14.02 -39.84
N ASN B 183 -12.52 12.69 -39.96
CA ASN B 183 -11.32 11.86 -40.04
C ASN B 183 -11.38 11.08 -41.35
N PRO B 184 -10.60 11.50 -42.37
CA PRO B 184 -10.65 10.83 -43.66
C PRO B 184 -9.98 9.45 -43.69
N GLU B 185 -9.17 9.13 -42.67
CA GLU B 185 -8.58 7.81 -42.52
C GLU B 185 -9.39 6.92 -41.56
N PHE B 186 -10.60 7.35 -41.21
CA PHE B 186 -11.42 6.64 -40.23
C PHE B 186 -11.66 5.20 -40.66
N GLN B 187 -11.31 4.27 -39.76
CA GLN B 187 -11.53 2.84 -39.93
C GLN B 187 -12.30 2.35 -38.71
N PHE B 188 -13.30 1.51 -38.93
CA PHE B 188 -14.09 0.96 -37.83
C PHE B 188 -14.48 -0.48 -38.16
N LYS B 189 -13.48 -1.34 -38.25
CA LYS B 189 -13.69 -2.72 -38.67
C LYS B 189 -12.75 -3.64 -37.91
N ASN B 190 -12.93 -4.94 -38.11
CA ASN B 190 -12.07 -5.95 -37.52
C ASN B 190 -11.97 -5.75 -36.00
N VAL B 191 -10.76 -5.65 -35.45
CA VAL B 191 -10.62 -5.66 -34.01
C VAL B 191 -11.36 -4.46 -33.43
N ARG B 192 -11.17 -3.28 -34.06
CA ARG B 192 -11.70 -2.06 -33.52
C ARG B 192 -13.22 -2.09 -33.44
N PHE B 193 -13.89 -2.72 -34.41
CA PHE B 193 -15.34 -2.75 -34.40
C PHE B 193 -15.79 -3.50 -33.15
N ILE B 194 -15.08 -4.57 -32.77
CA ILE B 194 -15.50 -5.35 -31.62
C ILE B 194 -15.17 -4.59 -30.32
N THR B 195 -13.92 -4.09 -30.22
CA THR B 195 -13.45 -3.50 -28.98
C THR B 195 -14.18 -2.19 -28.69
N ALA B 196 -14.61 -1.45 -29.71
CA ALA B 196 -15.24 -0.17 -29.50
C ALA B 196 -16.56 -0.28 -28.74
N TYR B 197 -17.25 -1.41 -28.80
CA TYR B 197 -18.50 -1.56 -28.06
C TYR B 197 -18.21 -1.99 -26.62
N GLY B 198 -17.28 -2.92 -26.45
CA GLY B 198 -16.92 -3.37 -25.11
C GLY B 198 -16.39 -2.23 -24.25
N GLU B 199 -15.56 -1.36 -24.82
CA GLU B 199 -14.93 -0.32 -24.05
CA GLU B 199 -14.92 -0.29 -24.08
C GLU B 199 -15.98 0.65 -23.49
N THR B 200 -17.14 0.76 -24.15
CA THR B 200 -18.15 1.71 -23.71
C THR B 200 -18.90 1.19 -22.49
N VAL B 201 -18.85 -0.13 -22.22
CA VAL B 201 -19.51 -0.65 -21.04
C VAL B 201 -18.53 -0.94 -19.91
N PHE B 202 -17.23 -1.01 -20.18
CA PHE B 202 -16.27 -1.22 -19.11
C PHE B 202 -16.42 -0.17 -18.01
N PRO B 203 -16.66 1.13 -18.28
CA PRO B 203 -16.86 2.11 -17.23
C PRO B 203 -18.01 1.77 -16.29
N ILE B 204 -19.08 1.19 -16.83
CA ILE B 204 -20.24 0.79 -16.03
C ILE B 204 -19.93 -0.47 -15.22
N ASN B 205 -19.34 -1.48 -15.86
CA ASN B 205 -19.17 -2.78 -15.23
C ASN B 205 -17.96 -2.83 -14.32
N LEU B 206 -16.93 -2.02 -14.58
CA LEU B 206 -15.67 -2.14 -13.85
C LEU B 206 -15.28 -0.87 -13.09
N PHE B 207 -15.74 0.31 -13.52
CA PHE B 207 -15.32 1.53 -12.87
C PHE B 207 -16.32 1.94 -11.79
N VAL B 208 -17.54 1.40 -11.84
CA VAL B 208 -18.50 1.63 -10.76
C VAL B 208 -18.15 0.69 -9.61
N ASP B 209 -18.14 1.26 -8.39
CA ASP B 209 -17.80 0.55 -7.18
C ASP B 209 -18.64 -0.72 -7.06
N GLY B 210 -17.97 -1.80 -6.63
CA GLY B 210 -18.59 -3.12 -6.54
C GLY B 210 -19.69 -3.22 -5.48
N ARG B 211 -19.71 -2.29 -4.52
CA ARG B 211 -20.76 -2.26 -3.51
C ARG B 211 -22.06 -1.69 -4.06
N VAL B 212 -22.03 -1.09 -5.25
CA VAL B 212 -23.27 -0.63 -5.89
C VAL B 212 -23.91 -1.81 -6.64
N THR B 213 -25.05 -2.31 -6.16
CA THR B 213 -25.68 -3.50 -6.73
C THR B 213 -26.76 -3.12 -7.74
N THR B 214 -27.36 -1.94 -7.56
CA THR B 214 -28.55 -1.56 -8.29
C THR B 214 -28.31 -0.20 -8.97
N ASP B 215 -28.84 -0.03 -10.19
CA ASP B 215 -28.81 1.25 -10.88
C ASP B 215 -27.35 1.70 -11.02
N ARG B 216 -26.54 0.89 -11.68
CA ARG B 216 -25.11 1.12 -11.69
C ARG B 216 -24.83 2.23 -12.70
N LYS B 217 -24.09 3.23 -12.23
CA LYS B 217 -23.86 4.44 -13.01
C LYS B 217 -22.59 5.10 -12.49
N LEU B 218 -21.84 5.76 -13.38
CA LEU B 218 -20.56 6.33 -12.98
C LEU B 218 -20.66 7.84 -12.84
N SER B 219 -20.20 8.38 -11.70
CA SER B 219 -20.10 9.82 -11.52
C SER B 219 -19.00 10.39 -12.40
N MET B 220 -19.10 11.68 -12.72
CA MET B 220 -18.12 12.32 -13.56
C MET B 220 -16.81 12.51 -12.79
N GLU B 221 -16.89 12.61 -11.46
CA GLU B 221 -15.72 12.73 -10.60
C GLU B 221 -14.89 11.43 -10.69
N ASP B 222 -15.55 10.29 -10.57
CA ASP B 222 -14.89 8.99 -10.66
C ASP B 222 -14.33 8.80 -12.06
N ALA B 223 -15.13 9.16 -13.06
CA ALA B 223 -14.66 9.06 -14.43
C ALA B 223 -13.40 9.88 -14.61
N ALA B 224 -13.36 11.13 -14.11
CA ALA B 224 -12.19 11.95 -14.35
C ALA B 224 -10.99 11.36 -13.60
N SER B 225 -11.25 10.83 -12.40
CA SER B 225 -10.18 10.29 -11.60
C SER B 225 -9.42 9.21 -12.37
N ILE B 226 -10.18 8.32 -13.03
CA ILE B 226 -9.61 7.17 -13.71
C ILE B 226 -9.11 7.56 -15.10
N PHE B 227 -9.97 8.18 -15.91
CA PHE B 227 -9.65 8.45 -17.30
C PHE B 227 -8.53 9.48 -17.41
N ARG B 228 -8.52 10.49 -16.52
CA ARG B 228 -7.54 11.56 -16.58
C ARG B 228 -6.38 11.32 -15.63
N ASP B 229 -6.67 11.01 -14.37
CA ASP B 229 -5.62 11.03 -13.36
C ASP B 229 -4.99 9.65 -13.15
N MET B 230 -5.60 8.58 -13.72
CA MET B 230 -5.09 7.23 -13.55
CA MET B 230 -5.09 7.23 -13.55
C MET B 230 -5.11 6.86 -12.07
N ARG B 231 -6.20 7.23 -11.39
CA ARG B 231 -6.32 7.12 -9.95
CA ARG B 231 -6.33 7.10 -9.95
C ARG B 231 -7.68 6.48 -9.63
N PHE B 232 -7.66 5.43 -8.81
CA PHE B 232 -8.90 4.85 -8.31
C PHE B 232 -9.64 5.87 -7.46
N PRO B 233 -10.99 5.91 -7.50
CA PRO B 233 -11.74 6.65 -6.50
C PRO B 233 -11.27 6.27 -5.10
N ASP B 234 -11.42 7.20 -4.14
CA ASP B 234 -11.16 6.89 -2.75
C ASP B 234 -12.00 5.68 -2.34
N ASP B 235 -11.35 4.76 -1.61
CA ASP B 235 -12.01 3.61 -1.01
C ASP B 235 -12.63 2.69 -2.08
N PHE B 236 -12.05 2.67 -3.28
CA PHE B 236 -12.64 1.96 -4.40
C PHE B 236 -12.63 0.46 -4.13
N HIS B 237 -13.81 -0.13 -4.27
CA HIS B 237 -13.97 -1.56 -4.20
C HIS B 237 -14.30 -2.06 -5.60
N ARG B 238 -13.56 -3.07 -6.06
CA ARG B 238 -13.76 -3.65 -7.37
C ARG B 238 -15.10 -4.35 -7.48
N SER B 239 -15.53 -4.60 -8.74
CA SER B 239 -16.72 -5.35 -9.05
C SER B 239 -16.83 -6.59 -8.16
N ALA B 240 -18.07 -6.94 -7.80
CA ALA B 240 -18.34 -8.03 -6.87
C ALA B 240 -18.26 -9.40 -7.58
N VAL B 241 -18.27 -9.38 -8.92
CA VAL B 241 -18.17 -10.57 -9.76
C VAL B 241 -17.18 -10.28 -10.89
N PRO B 242 -16.49 -11.31 -11.44
CA PRO B 242 -15.69 -11.11 -12.64
C PRO B 242 -16.60 -10.52 -13.70
N ALA B 243 -16.10 -9.52 -14.45
CA ALA B 243 -16.95 -8.90 -15.45
C ALA B 243 -16.11 -8.38 -16.60
N SER B 244 -16.80 -8.01 -17.68
CA SER B 244 -16.15 -7.42 -18.84
C SER B 244 -17.17 -6.63 -19.64
N ASN B 245 -17.78 -7.23 -20.66
CA ASN B 245 -18.49 -6.49 -21.69
C ASN B 245 -20.01 -6.70 -21.62
N GLU B 246 -20.53 -7.04 -20.44
CA GLU B 246 -21.97 -7.20 -20.27
C GLU B 246 -22.65 -5.90 -20.68
N GLY B 247 -23.63 -6.00 -21.59
CA GLY B 247 -24.44 -4.87 -22.03
C GLY B 247 -23.96 -4.30 -23.36
N ALA B 248 -22.82 -4.78 -23.89
CA ALA B 248 -22.29 -4.21 -25.13
C ALA B 248 -23.25 -4.40 -26.30
N ASP B 249 -23.97 -5.53 -26.28
CA ASP B 249 -25.03 -5.84 -27.22
C ASP B 249 -26.10 -4.73 -27.25
N GLN B 250 -26.52 -4.26 -26.06
CA GLN B 250 -27.56 -3.24 -26.00
C GLN B 250 -27.05 -1.90 -26.53
N VAL B 251 -25.73 -1.67 -26.41
CA VAL B 251 -25.16 -0.44 -26.91
C VAL B 251 -25.26 -0.42 -28.43
N LEU B 252 -24.91 -1.55 -29.06
CA LEU B 252 -25.02 -1.70 -30.50
C LEU B 252 -26.48 -1.59 -30.95
N ALA B 253 -27.40 -2.26 -30.23
CA ALA B 253 -28.79 -2.29 -30.63
C ALA B 253 -29.44 -0.91 -30.57
N ALA B 254 -29.00 -0.04 -29.66
CA ALA B 254 -29.54 1.31 -29.58
C ALA B 254 -29.31 2.10 -30.87
N HIS B 255 -28.18 1.85 -31.56
CA HIS B 255 -27.88 2.46 -32.84
C HIS B 255 -27.15 1.46 -33.75
N PRO B 256 -27.89 0.57 -34.44
CA PRO B 256 -27.27 -0.44 -35.29
C PRO B 256 -26.25 0.18 -36.24
N TRP B 257 -25.12 -0.52 -36.35
CA TRP B 257 -23.98 -0.02 -37.10
C TRP B 257 -23.19 -1.21 -37.67
N VAL B 258 -22.53 -0.96 -38.79
CA VAL B 258 -21.89 -2.01 -39.55
C VAL B 258 -20.42 -1.65 -39.71
N PRO B 259 -19.49 -2.63 -39.59
CA PRO B 259 -18.07 -2.35 -39.73
C PRO B 259 -17.82 -1.71 -41.09
N GLY B 260 -16.78 -0.89 -41.16
CA GLY B 260 -16.44 -0.22 -42.38
C GLY B 260 -15.44 0.90 -42.11
N GLY B 261 -15.49 1.92 -42.97
CA GLY B 261 -14.55 3.03 -42.92
C GLY B 261 -14.82 4.07 -44.01
N ASN B 262 -14.22 5.25 -43.82
CA ASN B 262 -14.18 6.28 -44.84
C ASN B 262 -13.27 5.79 -45.96
N ALA B 263 -13.80 5.73 -47.19
CA ALA B 263 -13.02 5.30 -48.34
C ALA B 263 -12.38 6.50 -49.04
N ASP B 264 -11.21 6.24 -49.64
CA ASP B 264 -10.54 7.13 -50.60
C ASP B 264 -10.14 8.45 -49.96
N ASN B 265 -9.73 8.40 -48.68
CA ASN B 265 -9.16 9.55 -47.98
C ASN B 265 -10.11 10.74 -48.05
N GLN B 266 -11.41 10.49 -47.84
CA GLN B 266 -12.41 11.55 -47.80
C GLN B 266 -13.33 11.37 -46.59
N VAL B 267 -13.75 12.50 -46.00
CA VAL B 267 -14.72 12.46 -44.92
C VAL B 267 -16.12 12.23 -45.49
N ASN B 268 -17.07 11.91 -44.62
CA ASN B 268 -18.47 11.69 -44.95
C ASN B 268 -18.61 10.68 -46.10
N ASN B 269 -17.80 9.61 -46.06
CA ASN B 269 -17.72 8.65 -47.15
C ASN B 269 -17.57 7.23 -46.59
N TYR B 270 -18.51 6.86 -45.71
CA TYR B 270 -18.40 5.61 -44.97
C TYR B 270 -18.95 4.46 -45.80
N VAL B 271 -18.08 3.47 -46.08
CA VAL B 271 -18.42 2.29 -46.86
C VAL B 271 -18.29 1.05 -45.98
N GLU B 272 -19.32 0.20 -46.02
CA GLU B 272 -19.37 -1.05 -45.28
C GLU B 272 -18.29 -2.03 -45.78
N ASP B 273 -17.72 -2.81 -44.85
CA ASP B 273 -16.85 -3.94 -45.17
C ASP B 273 -17.56 -5.22 -44.73
N PRO B 274 -18.11 -6.03 -45.68
CA PRO B 274 -18.87 -7.22 -45.30
C PRO B 274 -18.01 -8.40 -44.85
N ASP B 275 -16.69 -8.34 -45.10
CA ASP B 275 -15.73 -9.36 -44.68
C ASP B 275 -15.22 -9.18 -43.25
N SER B 276 -15.51 -8.03 -42.61
CA SER B 276 -15.03 -7.75 -41.27
C SER B 276 -15.71 -8.67 -40.26
N ALA B 277 -15.00 -8.98 -39.17
CA ALA B 277 -15.67 -9.52 -37.99
C ALA B 277 -16.82 -8.62 -37.58
N ASP B 278 -17.81 -9.22 -36.95
CA ASP B 278 -18.86 -8.47 -36.28
C ASP B 278 -19.33 -9.36 -35.13
N PHE B 279 -20.45 -9.02 -34.48
CA PHE B 279 -20.83 -9.69 -33.25
C PHE B 279 -21.45 -11.07 -33.49
N THR B 280 -21.87 -11.38 -34.73
CA THR B 280 -22.33 -12.73 -35.03
C THR B 280 -21.26 -13.51 -35.81
N HIS B 281 -20.06 -12.94 -36.00
CA HIS B 281 -18.97 -13.57 -36.72
C HIS B 281 -17.66 -13.29 -36.01
N LEU B 282 -17.58 -13.65 -34.72
CA LEU B 282 -16.46 -13.28 -33.88
C LEU B 282 -15.17 -13.97 -34.32
N CYS B 283 -15.31 -15.18 -34.88
CA CYS B 283 -14.13 -15.96 -35.21
C CYS B 283 -13.33 -15.28 -36.31
N ARG B 284 -13.95 -14.41 -37.10
CA ARG B 284 -13.21 -13.71 -38.13
C ARG B 284 -12.15 -12.81 -37.50
N LEU B 285 -12.44 -12.29 -36.30
CA LEU B 285 -11.47 -11.48 -35.61
C LEU B 285 -10.24 -12.34 -35.30
N TYR B 286 -10.47 -13.57 -34.82
CA TYR B 286 -9.39 -14.50 -34.53
C TYR B 286 -8.53 -14.76 -35.77
N GLU B 287 -9.19 -15.08 -36.89
CA GLU B 287 -8.50 -15.39 -38.13
C GLU B 287 -7.76 -14.15 -38.63
N PHE B 288 -8.41 -12.98 -38.57
CA PHE B 288 -7.80 -11.75 -39.04
C PHE B 288 -6.48 -11.51 -38.31
N VAL B 289 -6.50 -11.71 -36.99
CA VAL B 289 -5.36 -11.39 -36.16
C VAL B 289 -4.24 -12.37 -36.41
N VAL B 290 -4.56 -13.65 -36.59
CA VAL B 290 -3.52 -14.64 -36.87
C VAL B 290 -2.83 -14.26 -38.17
N GLY B 291 -3.62 -13.81 -39.15
CA GLY B 291 -3.09 -13.28 -40.40
C GLY B 291 -2.15 -12.09 -40.14
N SER B 292 -2.59 -11.16 -39.29
CA SER B 292 -1.79 -9.99 -39.01
C SER B 292 -0.46 -10.39 -38.37
N VAL B 293 -0.50 -11.39 -37.50
CA VAL B 293 0.71 -11.84 -36.82
C VAL B 293 1.72 -12.38 -37.84
N GLN B 294 1.20 -13.12 -38.84
CA GLN B 294 2.06 -13.69 -39.85
C GLN B 294 2.70 -12.59 -40.70
N GLU B 295 1.96 -11.51 -40.96
CA GLU B 295 2.54 -10.36 -41.67
C GLU B 295 3.66 -9.74 -40.84
N LEU B 296 3.53 -9.71 -39.50
CA LEU B 296 4.57 -9.14 -38.65
C LEU B 296 5.77 -10.08 -38.58
N TYR B 297 5.50 -11.39 -38.57
CA TYR B 297 6.52 -12.40 -38.35
C TYR B 297 6.47 -13.46 -39.46
N PRO B 298 6.92 -13.12 -40.70
CA PRO B 298 6.76 -14.03 -41.84
C PRO B 298 7.59 -15.32 -41.78
N ASN B 299 8.78 -15.25 -41.15
CA ASN B 299 9.68 -16.41 -41.11
C ASN B 299 10.53 -16.38 -39.85
N PRO B 300 9.92 -16.51 -38.65
CA PRO B 300 10.70 -16.53 -37.42
C PRO B 300 11.44 -17.84 -37.20
N THR B 301 12.54 -17.78 -36.43
CA THR B 301 13.26 -18.97 -36.01
C THR B 301 13.59 -18.86 -34.52
N GLY B 302 14.11 -19.95 -33.96
CA GLY B 302 14.64 -19.94 -32.60
C GLY B 302 13.57 -19.64 -31.56
N ILE B 303 13.97 -18.88 -30.52
CA ILE B 303 13.12 -18.63 -29.37
C ILE B 303 11.90 -17.80 -29.81
N LEU B 304 12.09 -16.86 -30.74
CA LEU B 304 10.99 -16.08 -31.26
C LEU B 304 9.91 -16.98 -31.87
N ARG B 305 10.30 -17.96 -32.68
CA ARG B 305 9.34 -18.87 -33.29
C ARG B 305 8.61 -19.62 -32.19
N ARG B 306 9.38 -20.14 -31.24
CA ARG B 306 8.83 -20.95 -30.17
C ARG B 306 7.83 -20.13 -29.36
N ASN B 307 8.19 -18.87 -29.06
CA ASN B 307 7.36 -18.02 -28.23
C ASN B 307 6.11 -17.58 -28.98
N LEU B 308 6.22 -17.41 -30.30
CA LEU B 308 5.05 -17.12 -31.13
C LEU B 308 4.03 -18.24 -31.02
N ILE B 309 4.51 -19.48 -31.11
CA ILE B 309 3.63 -20.63 -31.07
C ILE B 309 2.90 -20.67 -29.72
N LYS B 310 3.65 -20.47 -28.64
CA LYS B 310 3.08 -20.56 -27.30
C LYS B 310 2.06 -19.45 -27.06
N ASN B 311 2.41 -18.22 -27.44
CA ASN B 311 1.54 -17.08 -27.20
C ASN B 311 0.26 -17.22 -28.02
N LEU B 312 0.38 -17.75 -29.24
CA LEU B 312 -0.78 -17.93 -30.09
C LEU B 312 -1.73 -18.93 -29.43
N HIS B 313 -1.17 -20.00 -28.87
CA HIS B 313 -1.97 -20.99 -28.18
C HIS B 313 -2.64 -20.36 -26.96
N TYR B 314 -1.86 -19.62 -26.17
CA TYR B 314 -2.43 -18.98 -24.99
C TYR B 314 -3.61 -18.09 -25.39
N TRP B 315 -3.44 -17.34 -26.47
CA TRP B 315 -4.49 -16.44 -26.89
C TRP B 315 -5.74 -17.25 -27.23
N TRP B 316 -5.54 -18.34 -27.96
CA TRP B 316 -6.66 -19.18 -28.37
C TRP B 316 -7.41 -19.71 -27.16
N THR B 317 -6.73 -20.04 -26.05
CA THR B 317 -7.43 -20.59 -24.90
C THR B 317 -8.49 -19.60 -24.42
N GLY B 318 -8.19 -18.31 -24.48
CA GLY B 318 -9.17 -17.31 -24.11
C GLY B 318 -10.21 -17.13 -25.21
N VAL B 319 -9.74 -17.01 -26.45
CA VAL B 319 -10.63 -16.76 -27.57
C VAL B 319 -11.69 -17.85 -27.64
N ASN B 320 -11.26 -19.09 -27.43
CA ASN B 320 -12.13 -20.23 -27.66
C ASN B 320 -13.37 -20.09 -26.79
N VAL B 321 -13.17 -19.66 -25.53
CA VAL B 321 -14.29 -19.50 -24.61
C VAL B 321 -15.03 -18.21 -24.95
N ALA B 322 -14.30 -17.11 -25.11
CA ALA B 322 -14.96 -15.81 -25.22
C ALA B 322 -15.79 -15.71 -26.49
N PHE B 323 -15.31 -16.35 -27.58
CA PHE B 323 -15.96 -16.20 -28.87
C PHE B 323 -16.93 -17.35 -29.11
N GLY B 324 -17.04 -18.29 -28.17
CA GLY B 324 -18.01 -19.39 -28.27
C GLY B 324 -17.57 -20.50 -29.24
N GLY B 325 -16.26 -20.82 -29.29
CA GLY B 325 -15.71 -21.91 -30.09
C GLY B 325 -15.10 -21.38 -31.40
N CYS B 326 -13.76 -21.43 -31.53
CA CYS B 326 -13.07 -21.14 -32.77
C CYS B 326 -12.06 -22.24 -33.04
N ASP B 327 -11.93 -22.63 -34.31
CA ASP B 327 -10.97 -23.64 -34.69
C ASP B 327 -9.56 -23.04 -34.53
N GLU B 328 -8.72 -23.69 -33.71
CA GLU B 328 -7.37 -23.21 -33.49
C GLU B 328 -6.57 -23.26 -34.80
N LEU B 329 -5.83 -22.18 -35.07
CA LEU B 329 -4.90 -22.13 -36.19
C LEU B 329 -3.48 -22.30 -35.67
N PHE B 330 -2.61 -22.90 -36.47
CA PHE B 330 -1.23 -23.18 -36.11
C PHE B 330 -0.33 -22.68 -37.23
N PRO B 331 -0.21 -21.36 -37.44
CA PRO B 331 0.55 -20.85 -38.57
C PRO B 331 2.03 -21.20 -38.56
N TYR B 332 2.59 -21.61 -37.40
CA TYR B 332 3.98 -22.01 -37.34
C TYR B 332 4.11 -23.47 -36.90
N GLY B 333 3.03 -24.24 -37.04
CA GLY B 333 2.99 -25.60 -36.54
C GLY B 333 2.89 -25.63 -35.02
N GLN B 334 3.26 -26.80 -34.47
CA GLN B 334 3.26 -27.05 -33.03
CA GLN B 334 3.26 -27.11 -33.04
C GLN B 334 4.70 -27.22 -32.55
N LEU B 335 4.89 -27.32 -31.23
CA LEU B 335 6.22 -27.23 -30.64
C LEU B 335 7.09 -28.44 -31.04
N GLN C 1 -18.98 -10.34 8.17
CA GLN C 1 -18.94 -10.42 9.66
C GLN C 1 -17.83 -11.39 10.07
N GLY C 2 -17.73 -11.67 11.36
CA GLY C 2 -16.81 -12.70 11.86
C GLY C 2 -17.13 -13.15 13.29
N VAL C 3 -16.09 -13.62 13.97
CA VAL C 3 -16.19 -14.33 15.23
C VAL C 3 -15.66 -13.43 16.34
N ASP C 4 -16.16 -13.64 17.58
CA ASP C 4 -15.58 -13.05 18.78
C ASP C 4 -14.65 -14.08 19.45
N PRO C 5 -13.31 -13.97 19.30
CA PRO C 5 -12.38 -15.06 19.67
C PRO C 5 -12.16 -15.22 21.17
N PRO C 6 -12.41 -16.42 21.76
CA PRO C 6 -12.40 -16.59 23.20
C PRO C 6 -10.95 -16.71 23.68
N PRO C 7 -10.69 -16.51 24.99
CA PRO C 7 -9.34 -16.67 25.51
C PRO C 7 -8.91 -18.12 25.39
N PRO C 8 -7.59 -18.39 25.34
CA PRO C 8 -7.11 -19.75 25.18
C PRO C 8 -7.48 -20.56 26.41
N PRO C 9 -7.63 -21.89 26.24
CA PRO C 9 -7.79 -22.80 27.37
C PRO C 9 -6.58 -22.69 28.27
N GLY C 10 -6.79 -23.01 29.55
CA GLY C 10 -5.72 -23.25 30.51
C GLY C 10 -5.21 -24.67 30.37
N PRO C 11 -4.35 -25.14 31.29
CA PRO C 11 -3.85 -26.52 31.28
C PRO C 11 -4.99 -27.53 31.32
N PRO C 12 -4.75 -28.77 30.87
CA PRO C 12 -5.79 -29.80 30.96
C PRO C 12 -6.02 -30.15 32.44
N SER C 13 -7.28 -30.46 32.79
CA SER C 13 -7.68 -30.90 34.12
CA SER C 13 -7.69 -30.92 34.11
C SER C 13 -6.73 -31.99 34.64
N PHE C 14 -6.49 -33.01 33.81
CA PHE C 14 -5.61 -34.12 34.13
C PHE C 14 -4.33 -33.97 33.31
N THR C 15 -3.17 -33.99 33.99
CA THR C 15 -1.90 -33.77 33.32
C THR C 15 -1.00 -34.99 33.40
N GLY C 16 -1.53 -36.15 33.77
CA GLY C 16 -0.73 -37.37 33.81
C GLY C 16 -0.68 -38.07 32.44
N THR C 17 0.01 -39.23 32.39
CA THR C 17 0.03 -40.07 31.20
C THR C 17 -1.33 -40.69 30.97
N LYS C 18 -1.62 -41.01 29.71
CA LYS C 18 -2.82 -41.75 29.34
C LYS C 18 -2.67 -42.24 27.91
N LEU C 19 -3.53 -43.20 27.53
CA LEU C 19 -3.59 -43.70 26.19
C LEU C 19 -4.17 -42.60 25.31
N VAL C 20 -3.45 -42.21 24.26
CA VAL C 20 -3.97 -41.18 23.38
C VAL C 20 -4.34 -41.77 22.03
N ASN C 21 -3.68 -42.86 21.64
CA ASN C 21 -4.06 -43.60 20.45
C ASN C 21 -5.20 -44.57 20.78
N ASP C 22 -6.42 -44.05 20.88
CA ASP C 22 -7.52 -44.77 21.51
C ASP C 22 -8.67 -44.88 20.52
N ALA C 23 -9.78 -45.48 20.97
CA ALA C 23 -10.88 -45.84 20.08
C ALA C 23 -11.56 -44.59 19.52
N ASP C 24 -11.62 -43.53 20.32
CA ASP C 24 -12.28 -42.31 19.90
C ASP C 24 -11.42 -41.48 18.93
N HIS C 25 -10.12 -41.82 18.79
CA HIS C 25 -9.16 -41.01 18.04
C HIS C 25 -8.37 -41.93 17.11
N PRO C 26 -9.07 -42.63 16.20
CA PRO C 26 -8.40 -43.52 15.25
C PRO C 26 -7.67 -42.75 14.16
N TRP C 27 -6.51 -43.26 13.76
CA TRP C 27 -5.88 -42.75 12.57
C TRP C 27 -6.78 -43.05 11.38
N GLN C 28 -6.90 -42.08 10.47
CA GLN C 28 -7.61 -42.27 9.23
C GLN C 28 -6.81 -41.61 8.12
N PRO C 29 -6.86 -42.15 6.90
CA PRO C 29 -6.10 -41.59 5.78
C PRO C 29 -6.65 -40.23 5.35
N LEU C 30 -5.77 -39.45 4.71
CA LEU C 30 -6.13 -38.18 4.12
C LEU C 30 -7.21 -38.33 3.06
N ARG C 31 -8.19 -37.43 3.10
CA ARG C 31 -9.17 -37.27 2.04
C ARG C 31 -8.75 -36.07 1.18
N GLU C 32 -9.29 -35.98 -0.04
CA GLU C 32 -9.11 -34.81 -0.88
C GLU C 32 -9.53 -33.57 -0.09
N GLY C 33 -8.70 -32.53 -0.09
CA GLY C 33 -9.05 -31.27 0.56
C GLY C 33 -8.52 -31.15 1.99
N ASP C 34 -8.12 -32.29 2.59
CA ASP C 34 -7.49 -32.29 3.90
C ASP C 34 -6.13 -31.62 3.82
N ILE C 35 -5.81 -30.79 4.81
CA ILE C 35 -4.57 -30.03 4.81
C ILE C 35 -3.62 -30.58 5.86
N ARG C 36 -2.36 -30.71 5.47
CA ARG C 36 -1.30 -31.07 6.38
C ARG C 36 -0.11 -30.18 6.03
N GLY C 37 0.85 -30.05 6.94
CA GLY C 37 1.87 -29.04 6.83
C GLY C 37 3.20 -29.46 7.43
N PRO C 38 4.02 -28.49 7.84
CA PRO C 38 5.40 -28.77 8.27
C PRO C 38 5.55 -29.30 9.69
N CYS C 39 4.44 -29.35 10.45
CA CYS C 39 4.48 -29.78 11.85
C CYS C 39 4.00 -31.22 12.02
N PRO C 40 4.88 -32.17 12.40
CA PRO C 40 4.47 -33.54 12.62
C PRO C 40 3.49 -33.68 13.78
N GLY C 41 3.59 -32.78 14.78
CA GLY C 41 2.68 -32.82 15.90
C GLY C 41 1.24 -32.53 15.49
N LEU C 42 1.00 -31.37 14.88
CA LEU C 42 -0.32 -30.98 14.43
C LEU C 42 -0.83 -31.96 13.38
N ASN C 43 0.05 -32.40 12.49
CA ASN C 43 -0.32 -33.37 11.47
C ASN C 43 -0.90 -34.64 12.12
N THR C 44 -0.18 -35.15 13.13
CA THR C 44 -0.63 -36.38 13.78
C THR C 44 -1.95 -36.14 14.50
N LEU C 45 -2.09 -34.98 15.15
CA LEU C 45 -3.33 -34.69 15.84
C LEU C 45 -4.50 -34.61 14.87
N ALA C 46 -4.29 -33.99 13.71
CA ALA C 46 -5.37 -33.92 12.74
C ALA C 46 -5.74 -35.31 12.22
N SER C 47 -4.73 -36.15 11.97
CA SER C 47 -4.98 -37.46 11.38
C SER C 47 -5.57 -38.46 12.39
N HIS C 48 -5.53 -38.14 13.70
CA HIS C 48 -6.23 -38.94 14.70
C HIS C 48 -7.50 -38.27 15.22
N GLY C 49 -7.91 -37.15 14.63
CA GLY C 49 -9.16 -36.50 15.00
C GLY C 49 -9.10 -35.71 16.32
N TYR C 50 -7.89 -35.45 16.86
CA TYR C 50 -7.73 -34.52 17.97
C TYR C 50 -7.99 -33.08 17.48
N LEU C 51 -7.61 -32.81 16.23
CA LEU C 51 -7.98 -31.61 15.49
C LEU C 51 -8.99 -32.01 14.44
N PRO C 52 -9.77 -31.07 13.85
CA PRO C 52 -10.53 -31.36 12.63
C PRO C 52 -9.63 -32.02 11.58
N ARG C 53 -10.12 -33.11 10.97
CA ARG C 53 -9.30 -33.95 10.11
C ARG C 53 -8.90 -33.20 8.82
N ASP C 54 -9.61 -32.11 8.50
CA ASP C 54 -9.28 -31.32 7.32
C ASP C 54 -8.12 -30.36 7.57
N GLY C 55 -7.63 -30.25 8.81
CA GLY C 55 -6.39 -29.55 9.07
C GLY C 55 -6.56 -28.03 9.17
N VAL C 56 -7.80 -27.58 9.40
CA VAL C 56 -8.11 -26.19 9.65
C VAL C 56 -8.83 -26.11 10.98
N ALA C 57 -8.31 -25.29 11.89
CA ALA C 57 -8.78 -25.27 13.26
C ALA C 57 -8.71 -23.87 13.85
N THR C 58 -9.44 -23.65 14.96
CA THR C 58 -9.31 -22.44 15.75
C THR C 58 -8.07 -22.57 16.61
N PRO C 59 -7.50 -21.44 17.07
CA PRO C 59 -6.39 -21.49 18.02
C PRO C 59 -6.74 -22.31 19.26
N ALA C 60 -7.96 -22.13 19.76
CA ALA C 60 -8.39 -22.84 20.94
C ALA C 60 -8.35 -24.34 20.70
N GLN C 61 -8.81 -24.81 19.53
CA GLN C 61 -8.80 -26.22 19.22
C GLN C 61 -7.37 -26.76 19.17
N ILE C 62 -6.45 -25.97 18.63
CA ILE C 62 -5.06 -26.40 18.49
C ILE C 62 -4.46 -26.58 19.88
N ILE C 63 -4.75 -25.62 20.76
CA ILE C 63 -4.18 -25.66 22.09
C ILE C 63 -4.70 -26.89 22.84
N THR C 64 -6.03 -27.12 22.85
CA THR C 64 -6.57 -28.25 23.57
CA THR C 64 -6.54 -28.25 23.60
C THR C 64 -6.03 -29.54 22.96
N ALA C 65 -5.92 -29.60 21.62
CA ALA C 65 -5.41 -30.79 20.95
C ALA C 65 -3.98 -31.11 21.35
N THR C 66 -3.10 -30.12 21.37
CA THR C 66 -1.69 -30.39 21.68
C THR C 66 -1.57 -30.84 23.15
N GLN C 67 -2.46 -30.33 24.01
CA GLN C 67 -2.47 -30.75 25.41
C GLN C 67 -3.03 -32.17 25.55
N GLU C 68 -4.22 -32.42 24.99
CA GLU C 68 -4.87 -33.71 25.15
C GLU C 68 -4.00 -34.80 24.52
N GLY C 69 -3.46 -34.54 23.32
CA GLY C 69 -2.77 -35.55 22.56
C GLY C 69 -1.33 -35.81 23.00
N PHE C 70 -0.60 -34.76 23.39
CA PHE C 70 0.82 -34.91 23.67
C PHE C 70 1.25 -34.37 25.01
N ASN C 71 0.33 -33.74 25.76
CA ASN C 71 0.66 -33.06 27.01
C ASN C 71 1.65 -31.93 26.75
N PHE C 72 1.45 -31.23 25.63
CA PHE C 72 2.27 -30.05 25.38
C PHE C 72 1.92 -29.04 26.44
N GLU C 73 2.93 -28.40 27.04
CA GLU C 73 2.68 -27.47 28.14
C GLU C 73 1.89 -26.25 27.67
N ASN C 74 0.95 -25.77 28.51
CA ASN C 74 -0.06 -24.79 28.13
C ASN C 74 0.54 -23.51 27.56
N ASN C 75 1.52 -22.92 28.25
CA ASN C 75 2.10 -21.66 27.81
C ASN C 75 2.89 -21.85 26.52
N ALA C 76 3.63 -22.95 26.41
CA ALA C 76 4.29 -23.29 25.17
C ALA C 76 3.27 -23.42 24.03
N ALA C 77 2.13 -24.02 24.31
CA ALA C 77 1.07 -24.16 23.31
C ALA C 77 0.54 -22.79 22.89
N ILE C 78 0.38 -21.89 23.86
CA ILE C 78 -0.15 -20.57 23.58
C ILE C 78 0.86 -19.78 22.76
N VAL C 79 2.14 -19.87 23.11
CA VAL C 79 3.17 -19.17 22.39
C VAL C 79 3.21 -19.63 20.93
N ALA C 80 3.20 -20.94 20.69
CA ALA C 80 3.32 -21.40 19.33
C ALA C 80 2.04 -21.12 18.55
N THR C 81 0.88 -21.35 19.17
CA THR C 81 -0.37 -21.31 18.43
C THR C 81 -0.68 -19.88 17.99
N TYR C 82 -0.58 -18.89 18.89
CA TYR C 82 -0.99 -17.53 18.55
C TYR C 82 0.08 -16.88 17.67
N LEU C 83 1.34 -17.30 17.79
CA LEU C 83 2.36 -16.87 16.85
C LEU C 83 1.95 -17.32 15.45
N GLY C 84 1.58 -18.59 15.33
CA GLY C 84 1.17 -19.13 14.04
C GLY C 84 -0.07 -18.42 13.52
N HIS C 85 -1.03 -18.17 14.39
CA HIS C 85 -2.30 -17.58 14.00
C HIS C 85 -2.13 -16.10 13.63
N LEU C 86 -1.41 -15.31 14.45
CA LEU C 86 -1.22 -13.89 14.17
C LEU C 86 -0.61 -13.70 12.78
N LEU C 87 0.41 -14.49 12.48
CA LEU C 87 1.17 -14.37 11.26
C LEU C 87 0.46 -15.03 10.09
N ASN C 88 -0.26 -16.13 10.32
CA ASN C 88 -0.61 -17.04 9.24
C ASN C 88 -2.09 -17.43 9.24
N GLY C 89 -2.87 -16.98 10.21
CA GLY C 89 -4.27 -17.36 10.27
C GLY C 89 -5.19 -16.19 9.89
N ASN C 90 -6.48 -16.49 9.87
CA ASN C 90 -7.48 -15.50 9.57
C ASN C 90 -8.08 -15.03 10.88
N LEU C 91 -7.86 -13.77 11.24
CA LEU C 91 -8.20 -13.27 12.56
C LEU C 91 -9.70 -12.97 12.66
N VAL C 92 -10.36 -12.81 11.52
CA VAL C 92 -11.77 -12.49 11.51
C VAL C 92 -12.59 -13.76 11.70
N THR C 93 -12.23 -14.83 10.99
CA THR C 93 -12.93 -16.11 11.11
C THR C 93 -12.38 -16.95 12.26
N ASP C 94 -11.21 -16.58 12.79
CA ASP C 94 -10.56 -17.31 13.88
C ASP C 94 -10.14 -18.70 13.43
N LEU C 95 -9.62 -18.83 12.20
CA LEU C 95 -9.23 -20.13 11.66
C LEU C 95 -7.80 -20.07 11.15
N LEU C 96 -7.05 -21.15 11.38
CA LEU C 96 -5.68 -21.30 10.95
C LEU C 96 -5.54 -22.64 10.21
N SER C 97 -4.95 -22.60 9.02
CA SER C 97 -4.55 -23.79 8.31
C SER C 97 -3.22 -24.30 8.85
N ILE C 98 -3.12 -25.61 9.12
CA ILE C 98 -1.87 -26.16 9.62
C ILE C 98 -0.89 -26.40 8.47
N GLY C 99 -1.34 -26.07 7.26
CA GLY C 99 -0.51 -26.20 6.08
C GLY C 99 -0.58 -24.97 5.19
N GLY C 100 -1.13 -25.14 3.98
CA GLY C 100 -1.13 -24.09 2.98
C GLY C 100 -2.51 -23.43 2.89
N ALA C 101 -2.68 -22.58 1.87
CA ALA C 101 -3.86 -21.74 1.78
C ALA C 101 -5.06 -22.58 1.35
N THR C 102 -6.23 -22.13 1.75
CA THR C 102 -7.44 -22.90 1.55
C THR C 102 -8.61 -21.94 1.68
N PRO C 103 -9.70 -22.09 0.89
CA PRO C 103 -10.94 -21.36 1.17
C PRO C 103 -11.59 -21.70 2.51
N LYS C 104 -11.17 -22.80 3.15
CA LYS C 104 -11.75 -23.22 4.43
C LYS C 104 -11.47 -22.22 5.56
N THR C 105 -10.46 -21.34 5.42
CA THR C 105 -10.17 -20.32 6.43
C THR C 105 -11.09 -19.11 6.25
N GLY C 106 -11.88 -19.10 5.16
CA GLY C 106 -12.84 -18.04 4.92
C GLY C 106 -12.31 -16.98 3.96
N PRO C 107 -13.06 -15.89 3.73
CA PRO C 107 -12.62 -14.79 2.87
C PRO C 107 -11.26 -14.23 3.30
N PRO C 108 -10.31 -14.04 2.37
CA PRO C 108 -8.95 -13.64 2.75
C PRO C 108 -8.90 -12.25 3.40
N PRO C 109 -7.89 -12.00 4.28
CA PRO C 109 -7.68 -10.68 4.86
C PRO C 109 -7.16 -9.69 3.82
N PRO C 110 -7.22 -8.37 4.10
CA PRO C 110 -6.55 -7.37 3.25
C PRO C 110 -5.03 -7.58 3.18
N PRO C 111 -4.45 -7.62 1.97
CA PRO C 111 -2.98 -7.70 1.81
C PRO C 111 -2.36 -6.49 2.49
N PRO C 112 -1.11 -6.58 2.99
CA PRO C 112 -0.22 -7.73 2.82
C PRO C 112 -0.42 -8.95 3.74
N ALA C 113 -1.48 -8.96 4.56
CA ALA C 113 -1.85 -10.16 5.30
C ALA C 113 -2.36 -11.21 4.30
N HIS C 114 -2.29 -12.48 4.68
CA HIS C 114 -2.50 -13.57 3.74
C HIS C 114 -3.32 -14.72 4.31
N ALA C 115 -3.20 -15.03 5.62
CA ALA C 115 -3.82 -16.21 6.19
C ALA C 115 -3.46 -17.47 5.39
N GLY C 116 -2.18 -17.60 5.05
CA GLY C 116 -1.70 -18.62 4.14
C GLY C 116 -1.29 -19.91 4.82
N GLY C 117 -1.41 -19.95 6.17
CA GLY C 117 -1.17 -21.17 6.92
C GLY C 117 0.31 -21.32 7.29
N LEU C 118 0.61 -22.37 8.08
CA LEU C 118 1.93 -22.61 8.62
C LEU C 118 2.99 -22.85 7.57
N ASN C 119 2.59 -23.19 6.34
CA ASN C 119 3.53 -23.37 5.25
C ASN C 119 4.27 -22.09 4.88
N VAL C 120 3.70 -20.92 5.19
CA VAL C 120 4.30 -19.66 4.78
C VAL C 120 5.68 -19.48 5.42
N HIS C 121 6.67 -19.20 4.57
CA HIS C 121 8.08 -19.16 4.93
C HIS C 121 8.52 -17.78 5.37
N GLY C 122 9.47 -17.72 6.33
CA GLY C 122 10.37 -16.59 6.47
C GLY C 122 10.25 -15.82 7.80
N THR C 123 9.11 -15.89 8.48
CA THR C 123 8.93 -15.22 9.76
CA THR C 123 8.97 -15.22 9.77
C THR C 123 8.69 -16.25 10.87
N PHE C 124 7.90 -17.31 10.57
CA PHE C 124 7.74 -18.46 11.46
C PHE C 124 8.51 -19.67 10.89
N GLU C 125 7.88 -20.45 9.99
CA GLU C 125 8.55 -21.58 9.35
C GLU C 125 9.89 -21.13 8.75
N GLY C 126 10.94 -21.93 8.96
CA GLY C 126 12.26 -21.61 8.44
C GLY C 126 13.13 -22.84 8.23
N ASP C 127 14.45 -22.62 8.20
CA ASP C 127 15.38 -23.54 7.54
C ASP C 127 16.05 -24.48 8.54
N ALA C 128 16.74 -25.50 8.00
CA ALA C 128 17.51 -26.47 8.77
C ALA C 128 16.60 -27.32 9.65
N GLY C 129 15.45 -27.72 9.10
CA GLY C 129 14.60 -28.71 9.75
C GLY C 129 15.20 -30.11 9.71
N MET C 130 14.60 -31.02 10.49
CA MET C 130 15.07 -32.39 10.62
C MET C 130 14.56 -33.28 9.49
N THR C 131 13.26 -33.17 9.16
CA THR C 131 12.66 -34.05 8.16
C THR C 131 12.02 -33.26 7.01
N ARG C 132 12.14 -31.93 7.03
CA ARG C 132 11.64 -31.10 5.94
C ARG C 132 12.80 -30.30 5.35
N ALA C 133 12.80 -30.10 4.02
CA ALA C 133 13.85 -29.38 3.33
C ALA C 133 13.56 -27.88 3.37
N ASP C 134 14.62 -27.06 3.28
CA ASP C 134 14.52 -25.61 3.21
C ASP C 134 13.62 -25.22 2.04
N GLU C 135 12.89 -24.11 2.22
CA GLU C 135 11.94 -23.61 1.25
C GLU C 135 12.62 -23.30 -0.09
N PHE C 136 13.90 -22.89 -0.02
CA PHE C 136 14.68 -22.57 -1.21
C PHE C 136 14.65 -23.73 -2.21
N PHE C 137 14.65 -24.98 -1.73
CA PHE C 137 14.70 -26.14 -2.59
C PHE C 137 13.31 -26.59 -3.08
N GLY C 138 12.23 -25.88 -2.74
CA GLY C 138 10.99 -26.05 -3.48
C GLY C 138 9.82 -26.60 -2.67
N ASP C 139 10.07 -27.23 -1.51
CA ASP C 139 9.01 -27.83 -0.71
C ASP C 139 9.41 -27.83 0.78
N ASN C 140 8.74 -26.97 1.58
CA ASN C 140 9.13 -26.80 2.97
C ASN C 140 8.23 -27.58 3.93
N HIS C 141 7.27 -28.37 3.42
CA HIS C 141 6.23 -28.94 4.25
C HIS C 141 6.23 -30.47 4.21
N SER C 142 6.60 -31.06 3.06
CA SER C 142 6.54 -32.49 2.88
C SER C 142 7.64 -33.19 3.65
N PHE C 143 7.33 -34.40 4.10
CA PHE C 143 8.36 -35.30 4.59
C PHE C 143 9.38 -35.56 3.49
N ASN C 144 10.65 -35.56 3.86
CA ASN C 144 11.74 -35.77 2.93
C ASN C 144 12.58 -36.95 3.41
N GLN C 145 12.56 -38.02 2.62
CA GLN C 145 13.13 -39.31 2.97
C GLN C 145 14.65 -39.21 3.11
N THR C 146 15.31 -38.41 2.27
CA THR C 146 16.75 -38.23 2.35
C THR C 146 17.13 -37.68 3.71
N LEU C 147 16.35 -36.68 4.18
CA LEU C 147 16.63 -36.07 5.47
C LEU C 147 16.34 -37.06 6.60
N PHE C 148 15.28 -37.84 6.45
CA PHE C 148 14.98 -38.87 7.43
C PHE C 148 16.10 -39.91 7.46
N ASP C 149 16.70 -40.24 6.30
CA ASP C 149 17.83 -41.18 6.25
C ASP C 149 19.02 -40.63 7.06
N LYS C 150 19.27 -39.33 6.99
CA LYS C 150 20.31 -38.70 7.79
C LYS C 150 19.96 -38.77 9.29
N PHE C 151 18.67 -38.59 9.62
CA PHE C 151 18.21 -38.68 10.99
C PHE C 151 18.51 -40.07 11.54
N VAL C 152 18.22 -41.10 10.73
CA VAL C 152 18.51 -42.49 11.10
C VAL C 152 20.02 -42.67 11.23
N ASP C 153 20.77 -42.13 10.26
CA ASP C 153 22.22 -42.26 10.28
C ASP C 153 22.78 -41.72 11.60
N PHE C 154 22.39 -40.49 11.96
CA PHE C 154 22.90 -39.85 13.17
C PHE C 154 22.41 -40.58 14.42
N SER C 155 21.20 -41.14 14.39
CA SER C 155 20.76 -41.93 15.53
C SER C 155 21.63 -43.18 15.67
N ASN C 156 22.03 -43.76 14.52
CA ASN C 156 22.91 -44.94 14.56
C ASN C 156 24.28 -44.56 15.10
N ARG C 157 24.81 -43.41 14.67
CA ARG C 157 26.17 -43.02 14.99
C ARG C 157 26.31 -42.60 16.45
N TYR C 158 25.29 -41.94 17.02
CA TYR C 158 25.45 -41.29 18.31
C TYR C 158 24.45 -41.76 19.37
N GLY C 159 23.42 -42.53 18.98
CA GLY C 159 22.38 -42.90 19.93
C GLY C 159 22.05 -44.39 19.98
N GLY C 160 22.98 -45.26 19.51
CA GLY C 160 22.76 -46.69 19.55
C GLY C 160 21.58 -47.15 18.69
N GLY C 161 21.23 -46.33 17.67
CA GLY C 161 20.09 -46.63 16.80
C GLY C 161 18.79 -45.96 17.23
N PHE C 162 18.88 -45.12 18.27
CA PHE C 162 17.76 -44.38 18.81
C PHE C 162 18.09 -42.89 18.76
N TYR C 163 17.05 -42.06 18.70
CA TYR C 163 17.21 -40.61 18.78
C TYR C 163 17.15 -40.20 20.24
N ASN C 164 18.25 -39.62 20.74
CA ASN C 164 18.30 -39.13 22.09
C ASN C 164 18.98 -37.76 22.08
N LEU C 165 19.22 -37.19 23.26
CA LEU C 165 19.65 -35.81 23.33
C LEU C 165 21.02 -35.61 22.69
N THR C 166 21.91 -36.63 22.78
CA THR C 166 23.23 -36.53 22.15
C THR C 166 23.07 -36.45 20.62
N VAL C 167 22.18 -37.26 20.08
CA VAL C 167 21.92 -37.24 18.65
C VAL C 167 21.39 -35.86 18.24
N ALA C 168 20.46 -35.32 19.05
CA ALA C 168 19.82 -34.02 18.76
C ALA C 168 20.89 -32.94 18.59
N GLY C 169 21.85 -32.90 19.50
CA GLY C 169 22.92 -31.92 19.43
C GLY C 169 23.71 -32.04 18.12
N GLU C 170 24.04 -33.27 17.72
CA GLU C 170 24.87 -33.49 16.54
C GLU C 170 24.05 -33.19 15.29
N LEU C 171 22.81 -33.68 15.24
CA LEU C 171 22.01 -33.52 14.04
C LEU C 171 21.69 -32.04 13.79
N ARG C 172 21.37 -31.29 14.85
CA ARG C 172 21.00 -29.89 14.71
C ARG C 172 22.13 -29.10 14.07
N TYR C 173 23.35 -29.29 14.59
CA TYR C 173 24.51 -28.57 14.08
C TYR C 173 24.77 -28.97 12.62
N SER C 174 24.67 -30.26 12.33
CA SER C 174 24.97 -30.77 11.01
C SER C 174 23.97 -30.24 9.99
N ARG C 175 22.70 -30.10 10.40
CA ARG C 175 21.68 -29.59 9.51
C ARG C 175 21.91 -28.11 9.22
N ILE C 176 22.41 -27.36 10.20
CA ILE C 176 22.81 -25.97 9.98
C ILE C 176 23.91 -25.92 8.91
N GLN C 177 24.96 -26.74 9.07
CA GLN C 177 26.04 -26.80 8.09
C GLN C 177 25.52 -27.16 6.70
N ASP C 178 24.62 -28.14 6.57
CA ASP C 178 24.04 -28.47 5.28
C ASP C 178 23.45 -27.23 4.63
N SER C 179 22.66 -26.47 5.40
CA SER C 179 21.97 -25.31 4.87
C SER C 179 22.95 -24.20 4.50
N ILE C 180 23.99 -23.98 5.32
CA ILE C 180 25.00 -23.00 5.00
C ILE C 180 25.64 -23.32 3.64
N ALA C 181 25.97 -24.60 3.44
CA ALA C 181 26.74 -25.04 2.27
C ALA C 181 25.89 -25.03 1.01
N THR C 182 24.56 -25.17 1.12
CA THR C 182 23.78 -25.46 -0.08
C THR C 182 22.65 -24.45 -0.31
N ASN C 183 22.36 -23.59 0.67
CA ASN C 183 21.19 -22.73 0.59
C ASN C 183 21.64 -21.28 0.68
N PRO C 184 21.69 -20.55 -0.45
CA PRO C 184 22.17 -19.17 -0.42
C PRO C 184 21.20 -18.16 0.21
N GLU C 185 19.93 -18.56 0.40
CA GLU C 185 18.94 -17.73 1.10
C GLU C 185 18.81 -18.16 2.57
N PHE C 186 19.72 -19.00 3.06
CA PHE C 186 19.67 -19.52 4.41
C PHE C 186 19.61 -18.39 5.44
N GLN C 187 18.58 -18.46 6.30
CA GLN C 187 18.40 -17.56 7.42
C GLN C 187 18.23 -18.40 8.69
N PHE C 188 18.86 -17.97 9.78
CA PHE C 188 18.76 -18.68 11.03
C PHE C 188 18.76 -17.69 12.20
N LYS C 189 17.72 -16.86 12.25
CA LYS C 189 17.67 -15.78 13.23
C LYS C 189 16.21 -15.59 13.69
N ASN C 190 16.03 -14.72 14.67
CA ASN C 190 14.72 -14.35 15.16
C ASN C 190 13.94 -15.63 15.55
N VAL C 191 12.71 -15.79 15.02
CA VAL C 191 11.86 -16.85 15.51
C VAL C 191 12.54 -18.19 15.23
N ARG C 192 13.08 -18.35 14.02
CA ARG C 192 13.64 -19.62 13.61
C ARG C 192 14.79 -20.05 14.52
N PHE C 193 15.63 -19.11 14.96
CA PHE C 193 16.76 -19.48 15.79
C PHE C 193 16.24 -20.12 17.08
N ILE C 194 15.14 -19.60 17.61
CA ILE C 194 14.61 -20.14 18.86
C ILE C 194 13.93 -21.48 18.62
N THR C 195 13.05 -21.54 17.61
CA THR C 195 12.23 -22.71 17.37
C THR C 195 13.09 -23.90 16.92
N ALA C 196 14.21 -23.63 16.23
CA ALA C 196 15.03 -24.71 15.70
C ALA C 196 15.63 -25.58 16.80
N TYR C 197 15.86 -25.03 18.00
CA TYR C 197 16.43 -25.83 19.07
C TYR C 197 15.33 -26.61 19.77
N GLY C 198 14.20 -25.96 20.04
CA GLY C 198 13.09 -26.62 20.67
C GLY C 198 12.60 -27.82 19.88
N GLU C 199 12.51 -27.68 18.55
CA GLU C 199 11.97 -28.74 17.72
CA GLU C 199 11.98 -28.73 17.72
C GLU C 199 12.83 -30.00 17.85
N THR C 200 14.12 -29.85 18.15
CA THR C 200 15.00 -31.00 18.16
C THR C 200 14.81 -31.82 19.44
N VAL C 201 14.22 -31.23 20.48
CA VAL C 201 13.98 -31.98 21.70
C VAL C 201 12.52 -32.43 21.83
N PHE C 202 11.61 -31.84 21.05
CA PHE C 202 10.22 -32.30 21.10
C PHE C 202 10.12 -33.81 20.85
N PRO C 203 10.87 -34.43 19.91
CA PRO C 203 10.78 -35.87 19.71
C PRO C 203 11.11 -36.69 20.96
N ILE C 204 12.04 -36.20 21.77
CA ILE C 204 12.42 -36.86 23.00
C ILE C 204 11.36 -36.63 24.07
N ASN C 205 10.92 -35.39 24.25
CA ASN C 205 10.04 -35.05 25.35
C ASN C 205 8.59 -35.42 25.09
N LEU C 206 8.17 -35.47 23.82
CA LEU C 206 6.75 -35.65 23.51
C LEU C 206 6.46 -36.88 22.65
N PHE C 207 7.42 -37.36 21.86
CA PHE C 207 7.14 -38.49 20.97
C PHE C 207 7.56 -39.81 21.63
N VAL C 208 8.39 -39.75 22.68
CA VAL C 208 8.68 -40.95 23.46
C VAL C 208 7.52 -41.21 24.42
N ASP C 209 7.13 -42.47 24.49
CA ASP C 209 5.99 -42.90 25.30
C ASP C 209 6.18 -42.44 26.74
N GLY C 210 5.08 -41.96 27.34
CA GLY C 210 5.10 -41.38 28.68
C GLY C 210 5.40 -42.41 29.79
N ARG C 211 5.23 -43.71 29.49
CA ARG C 211 5.56 -44.76 30.44
C ARG C 211 7.07 -45.00 30.50
N VAL C 212 7.85 -44.42 29.58
CA VAL C 212 9.30 -44.51 29.66
C VAL C 212 9.83 -43.42 30.58
N THR C 213 10.35 -43.82 31.75
CA THR C 213 10.75 -42.88 32.80
C THR C 213 12.25 -42.59 32.71
N THR C 214 13.03 -43.54 32.20
CA THR C 214 14.47 -43.48 32.27
C THR C 214 15.05 -43.64 30.85
N ASP C 215 16.13 -42.89 30.55
CA ASP C 215 16.88 -43.08 29.32
C ASP C 215 15.93 -42.91 28.13
N ARG C 216 15.33 -41.73 28.03
CA ARG C 216 14.27 -41.50 27.06
C ARG C 216 14.90 -41.36 25.67
N LYS C 217 14.39 -42.15 24.72
CA LYS C 217 14.97 -42.23 23.40
C LYS C 217 13.90 -42.73 22.43
N LEU C 218 13.95 -42.26 21.17
CA LEU C 218 12.90 -42.56 20.22
C LEU C 218 13.37 -43.60 19.19
N SER C 219 12.60 -44.67 18.97
CA SER C 219 12.91 -45.65 17.93
C SER C 219 12.67 -45.04 16.55
N MET C 220 13.31 -45.61 15.54
CA MET C 220 13.19 -45.10 14.18
C MET C 220 11.82 -45.43 13.62
N GLU C 221 11.22 -46.52 14.11
CA GLU C 221 9.88 -46.94 13.69
C GLU C 221 8.88 -45.89 14.16
N ASP C 222 8.97 -45.47 15.43
CA ASP C 222 8.08 -44.48 16.00
C ASP C 222 8.30 -43.13 15.30
N ALA C 223 9.56 -42.79 15.08
CA ALA C 223 9.88 -41.56 14.37
C ALA C 223 9.22 -41.57 13.00
N ALA C 224 9.32 -42.67 12.25
CA ALA C 224 8.77 -42.68 10.91
C ALA C 224 7.25 -42.57 10.98
N SER C 225 6.68 -43.26 11.97
CA SER C 225 5.23 -43.29 12.10
C SER C 225 4.69 -41.87 12.24
N ILE C 226 5.36 -41.04 13.04
CA ILE C 226 4.88 -39.69 13.33
C ILE C 226 5.31 -38.72 12.24
N PHE C 227 6.61 -38.68 11.93
CA PHE C 227 7.16 -37.70 11.02
C PHE C 227 6.64 -37.91 9.60
N ARG C 228 6.49 -39.18 9.18
CA ARG C 228 6.05 -39.48 7.82
C ARG C 228 4.55 -39.76 7.80
N ASP C 229 4.06 -40.66 8.66
CA ASP C 229 2.71 -41.17 8.47
C ASP C 229 1.67 -40.41 9.27
N MET C 230 2.10 -39.50 10.16
CA MET C 230 1.17 -38.70 10.94
CA MET C 230 1.17 -38.69 10.93
C MET C 230 0.34 -39.62 11.83
N ARG C 231 0.99 -40.64 12.38
CA ARG C 231 0.32 -41.71 13.13
C ARG C 231 1.04 -41.95 14.44
N PHE C 232 0.28 -41.94 15.53
CA PHE C 232 0.83 -42.32 16.82
C PHE C 232 1.30 -43.76 16.79
N PRO C 233 2.41 -44.11 17.46
CA PRO C 233 2.73 -45.52 17.71
C PRO C 233 1.52 -46.25 18.28
N ASP C 234 1.46 -47.56 18.05
CA ASP C 234 0.43 -48.41 18.65
C ASP C 234 0.49 -48.24 20.17
N ASP C 235 -0.69 -48.07 20.80
CA ASP C 235 -0.80 -48.01 22.24
C ASP C 235 -0.04 -46.81 22.84
N PHE C 236 0.13 -45.74 22.06
CA PHE C 236 0.93 -44.60 22.49
C PHE C 236 0.30 -43.92 23.70
N HIS C 237 1.14 -43.75 24.73
CA HIS C 237 0.76 -42.99 25.91
C HIS C 237 1.57 -41.70 25.91
N ARG C 238 0.87 -40.57 26.07
CA ARG C 238 1.52 -39.26 26.06
C ARG C 238 2.42 -39.10 27.28
N SER C 239 3.30 -38.08 27.19
CA SER C 239 4.16 -37.67 28.29
C SER C 239 3.38 -37.65 29.60
N ALA C 240 4.08 -38.02 30.70
CA ALA C 240 3.46 -38.12 32.02
C ALA C 240 3.35 -36.76 32.69
N VAL C 241 4.03 -35.74 32.14
CA VAL C 241 3.99 -34.36 32.62
C VAL C 241 3.86 -33.42 31.43
N PRO C 242 3.25 -32.23 31.61
CA PRO C 242 3.28 -31.22 30.55
C PRO C 242 4.74 -30.99 30.19
N ALA C 243 5.03 -30.87 28.90
CA ALA C 243 6.41 -30.68 28.50
C ALA C 243 6.48 -29.88 27.21
N SER C 244 7.70 -29.43 26.92
CA SER C 244 7.97 -28.74 25.67
C SER C 244 9.45 -28.87 25.34
N ASN C 245 10.27 -27.88 25.72
CA ASN C 245 11.60 -27.75 25.16
C ASN C 245 12.70 -28.03 26.19
N GLU C 246 12.40 -28.86 27.18
CA GLU C 246 13.40 -29.27 28.16
C GLU C 246 14.58 -29.89 27.42
N GLY C 247 15.79 -29.38 27.69
CA GLY C 247 17.01 -29.93 27.13
C GLY C 247 17.53 -29.14 25.93
N ALA C 248 16.74 -28.17 25.44
CA ALA C 248 17.12 -27.41 24.25
C ALA C 248 18.42 -26.63 24.49
N ASP C 249 18.60 -26.17 25.73
CA ASP C 249 19.83 -25.53 26.18
C ASP C 249 21.06 -26.41 25.95
N GLN C 250 20.96 -27.71 26.28
CA GLN C 250 22.09 -28.61 26.14
C GLN C 250 22.37 -28.88 24.66
N VAL C 251 21.33 -28.80 23.82
CA VAL C 251 21.52 -29.01 22.40
C VAL C 251 22.39 -27.88 21.84
N LEU C 252 22.08 -26.65 22.24
CA LEU C 252 22.86 -25.49 21.83
C LEU C 252 24.28 -25.58 22.39
N ALA C 253 24.42 -25.96 23.66
CA ALA C 253 25.74 -25.97 24.30
C ALA C 253 26.67 -27.01 23.66
N ALA C 254 26.13 -28.11 23.14
CA ALA C 254 26.94 -29.11 22.46
C ALA C 254 27.67 -28.54 21.24
N HIS C 255 27.03 -27.59 20.55
CA HIS C 255 27.65 -26.89 19.42
C HIS C 255 27.22 -25.41 19.41
N PRO C 256 27.87 -24.55 20.21
CA PRO C 256 27.47 -23.15 20.30
C PRO C 256 27.33 -22.52 18.92
N TRP C 257 26.25 -21.75 18.76
CA TRP C 257 25.91 -21.16 17.49
C TRP C 257 25.18 -19.84 17.72
N VAL C 258 25.30 -18.96 16.74
CA VAL C 258 24.87 -17.58 16.87
C VAL C 258 23.88 -17.29 15.74
N PRO C 259 22.77 -16.58 16.01
CA PRO C 259 21.80 -16.27 14.96
C PRO C 259 22.49 -15.53 13.83
N GLY C 260 21.96 -15.71 12.61
CA GLY C 260 22.54 -15.07 11.44
C GLY C 260 21.98 -15.70 10.17
N GLY C 261 22.78 -15.64 9.10
CA GLY C 261 22.36 -16.13 7.80
C GLY C 261 23.48 -15.99 6.76
N ASN C 262 23.29 -16.68 5.63
CA ASN C 262 24.11 -16.47 4.45
C ASN C 262 23.80 -15.10 3.88
N ALA C 263 24.82 -14.25 3.73
CA ALA C 263 24.66 -12.91 3.18
C ALA C 263 24.87 -12.91 1.66
N ASP C 264 24.16 -12.01 0.98
CA ASP C 264 24.37 -11.63 -0.40
C ASP C 264 24.16 -12.80 -1.36
N ASN C 265 23.18 -13.66 -1.04
CA ASN C 265 22.74 -14.72 -1.94
C ASN C 265 23.93 -15.61 -2.33
N GLN C 266 24.78 -15.95 -1.36
CA GLN C 266 25.90 -16.86 -1.59
C GLN C 266 25.96 -17.92 -0.49
N VAL C 267 26.35 -19.13 -0.86
CA VAL C 267 26.57 -20.19 0.12
C VAL C 267 27.91 -19.97 0.83
N ASN C 268 28.10 -20.70 1.92
CA ASN C 268 29.32 -20.65 2.73
C ASN C 268 29.69 -19.23 3.11
N ASN C 269 28.68 -18.42 3.46
CA ASN C 269 28.87 -16.99 3.71
C ASN C 269 28.01 -16.56 4.91
N TYR C 270 28.17 -17.25 6.04
CA TYR C 270 27.31 -17.04 7.19
C TYR C 270 27.81 -15.86 8.02
N VAL C 271 26.95 -14.85 8.18
CA VAL C 271 27.24 -13.63 8.94
C VAL C 271 26.30 -13.54 10.15
N GLU C 272 26.86 -13.21 11.32
CA GLU C 272 26.08 -13.07 12.56
C GLU C 272 25.15 -11.86 12.47
N ASP C 273 23.97 -11.98 13.10
CA ASP C 273 23.08 -10.86 13.36
C ASP C 273 23.03 -10.60 14.87
N PRO C 274 23.70 -9.54 15.38
CA PRO C 274 23.72 -9.29 16.82
C PRO C 274 22.42 -8.74 17.39
N ASP C 275 21.50 -8.27 16.52
CA ASP C 275 20.20 -7.73 16.93
C ASP C 275 19.12 -8.81 17.07
N SER C 276 19.40 -10.05 16.62
CA SER C 276 18.43 -11.13 16.66
C SER C 276 18.17 -11.53 18.11
N ALA C 277 16.94 -12.00 18.37
CA ALA C 277 16.66 -12.74 19.58
C ALA C 277 17.65 -13.90 19.71
N ASP C 278 17.90 -14.30 20.95
CA ASP C 278 18.65 -15.51 21.24
C ASP C 278 18.14 -15.99 22.59
N PHE C 279 18.82 -16.98 23.20
CA PHE C 279 18.26 -17.64 24.38
C PHE C 279 18.41 -16.80 25.65
N THR C 280 19.27 -15.77 25.64
CA THR C 280 19.33 -14.86 26.79
C THR C 280 18.64 -13.53 26.47
N HIS C 281 17.99 -13.41 25.30
CA HIS C 281 17.30 -12.19 24.89
C HIS C 281 15.98 -12.55 24.21
N LEU C 282 15.13 -13.31 24.92
CA LEU C 282 13.91 -13.85 24.34
C LEU C 282 12.91 -12.74 24.06
N CYS C 283 12.93 -11.64 24.81
CA CYS C 283 11.92 -10.60 24.63
C CYS C 283 12.08 -9.92 23.27
N ARG C 284 13.27 -10.00 22.65
CA ARG C 284 13.44 -9.45 21.32
C ARG C 284 12.55 -10.18 20.32
N LEU C 285 12.34 -11.49 20.56
CA LEU C 285 11.47 -12.27 19.71
C LEU C 285 10.06 -11.69 19.79
N TYR C 286 9.60 -11.36 21.00
CA TYR C 286 8.28 -10.79 21.20
C TYR C 286 8.15 -9.49 20.42
N GLU C 287 9.13 -8.59 20.59
CA GLU C 287 9.14 -7.31 19.89
C GLU C 287 9.18 -7.50 18.37
N PHE C 288 10.05 -8.40 17.90
CA PHE C 288 10.19 -8.66 16.48
C PHE C 288 8.84 -9.05 15.87
N VAL C 289 8.13 -9.96 16.55
CA VAL C 289 6.91 -10.51 16.02
C VAL C 289 5.80 -9.46 16.03
N VAL C 290 5.74 -8.63 17.08
CA VAL C 290 4.72 -7.60 17.12
C VAL C 290 4.95 -6.66 15.94
N GLY C 291 6.23 -6.36 15.66
CA GLY C 291 6.62 -5.60 14.49
C GLY C 291 6.11 -6.26 13.20
N SER C 292 6.31 -7.58 13.11
CA SER C 292 5.88 -8.30 11.92
C SER C 292 4.37 -8.20 11.74
N VAL C 293 3.64 -8.25 12.85
CA VAL C 293 2.19 -8.19 12.78
C VAL C 293 1.75 -6.83 12.25
N GLN C 294 2.44 -5.77 12.69
CA GLN C 294 2.13 -4.42 12.24
C GLN C 294 2.36 -4.29 10.74
N GLU C 295 3.41 -4.94 10.20
CA GLU C 295 3.66 -4.92 8.77
C GLU C 295 2.53 -5.63 8.03
N LEU C 296 1.96 -6.71 8.62
CA LEU C 296 0.86 -7.42 7.99
C LEU C 296 -0.42 -6.60 8.06
N TYR C 297 -0.61 -5.88 9.17
CA TYR C 297 -1.87 -5.19 9.47
C TYR C 297 -1.56 -3.73 9.84
N PRO C 298 -1.21 -2.88 8.85
CA PRO C 298 -0.68 -1.54 9.13
C PRO C 298 -1.67 -0.58 9.75
N ASN C 299 -2.97 -0.68 9.43
CA ASN C 299 -3.94 0.28 9.93
C ASN C 299 -5.35 -0.33 10.02
N PRO C 300 -5.56 -1.39 10.82
CA PRO C 300 -6.87 -2.04 10.88
C PRO C 300 -7.91 -1.26 11.67
N THR C 301 -9.18 -1.48 11.35
CA THR C 301 -10.30 -0.99 12.14
C THR C 301 -11.34 -2.11 12.26
N GLY C 302 -12.43 -1.84 13.00
CA GLY C 302 -13.57 -2.74 13.08
C GLY C 302 -13.20 -4.05 13.78
N ILE C 303 -13.82 -5.14 13.32
CA ILE C 303 -13.68 -6.45 13.92
C ILE C 303 -12.23 -6.93 13.79
N LEU C 304 -11.59 -6.61 12.66
CA LEU C 304 -10.22 -7.03 12.45
C LEU C 304 -9.32 -6.43 13.53
N ARG C 305 -9.50 -5.13 13.81
CA ARG C 305 -8.70 -4.48 14.84
CA ARG C 305 -8.72 -4.47 14.85
C ARG C 305 -8.99 -5.13 16.21
N ARG C 306 -10.27 -5.36 16.49
CA ARG C 306 -10.66 -5.92 17.78
C ARG C 306 -10.04 -7.30 17.96
N ASN C 307 -10.07 -8.12 16.89
CA ASN C 307 -9.57 -9.47 16.99
C ASN C 307 -8.04 -9.49 17.06
N LEU C 308 -7.41 -8.51 16.40
CA LEU C 308 -5.96 -8.36 16.52
C LEU C 308 -5.55 -8.06 17.96
N ILE C 309 -6.29 -7.15 18.59
CA ILE C 309 -5.96 -6.75 19.95
C ILE C 309 -6.08 -7.95 20.87
N LYS C 310 -7.16 -8.72 20.72
CA LYS C 310 -7.40 -9.87 21.58
C LYS C 310 -6.32 -10.92 21.41
N ASN C 311 -6.00 -11.25 20.16
CA ASN C 311 -5.05 -12.30 19.87
C ASN C 311 -3.67 -11.90 20.35
N LEU C 312 -3.33 -10.62 20.20
CA LEU C 312 -2.03 -10.14 20.63
C LEU C 312 -1.92 -10.28 22.14
N HIS C 313 -2.99 -9.96 22.86
CA HIS C 313 -3.01 -10.10 24.31
C HIS C 313 -2.91 -11.58 24.69
N TYR C 314 -3.67 -12.45 24.03
CA TYR C 314 -3.60 -13.87 24.32
C TYR C 314 -2.17 -14.35 24.15
N TRP C 315 -1.52 -13.91 23.07
CA TRP C 315 -0.16 -14.36 22.82
C TRP C 315 0.74 -13.92 23.97
N TRP C 316 0.59 -12.67 24.39
CA TRP C 316 1.41 -12.10 25.45
C TRP C 316 1.24 -12.92 26.74
N THR C 317 0.02 -13.41 27.04
CA THR C 317 -0.18 -14.15 28.28
C THR C 317 0.75 -15.36 28.30
N GLY C 318 0.94 -16.00 27.16
CA GLY C 318 1.86 -17.12 27.06
C GLY C 318 3.32 -16.66 27.11
N VAL C 319 3.62 -15.62 26.33
CA VAL C 319 4.98 -15.14 26.21
C VAL C 319 5.50 -14.74 27.59
N ASN C 320 4.64 -14.07 28.36
CA ASN C 320 5.09 -13.47 29.61
C ASN C 320 5.67 -14.55 30.52
N VAL C 321 5.00 -15.71 30.55
CA VAL C 321 5.46 -16.79 31.40
C VAL C 321 6.64 -17.47 30.69
N ALA C 322 6.48 -17.81 29.42
CA ALA C 322 7.47 -18.66 28.77
C ALA C 322 8.81 -17.96 28.65
N PHE C 323 8.81 -16.64 28.46
CA PHE C 323 10.05 -15.92 28.21
C PHE C 323 10.60 -15.32 29.50
N GLY C 324 9.88 -15.49 30.62
CA GLY C 324 10.34 -15.02 31.93
C GLY C 324 10.15 -13.51 32.11
N GLY C 325 9.04 -12.94 31.58
CA GLY C 325 8.65 -11.56 31.81
C GLY C 325 8.99 -10.66 30.62
N CYS C 326 7.97 -10.17 29.91
CA CYS C 326 8.16 -9.18 28.84
C CYS C 326 7.10 -8.10 29.00
N ASP C 327 7.48 -6.85 28.75
CA ASP C 327 6.51 -5.77 28.77
C ASP C 327 5.59 -5.88 27.56
N GLU C 328 4.29 -5.91 27.83
CA GLU C 328 3.30 -6.00 26.78
C GLU C 328 3.35 -4.75 25.91
N LEU C 329 3.26 -4.94 24.59
CA LEU C 329 3.09 -3.86 23.63
C LEU C 329 1.62 -3.74 23.21
N PHE C 330 1.19 -2.53 22.87
CA PHE C 330 -0.19 -2.28 22.48
C PHE C 330 -0.24 -1.55 21.15
N PRO C 331 0.17 -2.18 20.03
CA PRO C 331 0.27 -1.45 18.76
C PRO C 331 -1.07 -0.94 18.25
N TYR C 332 -2.20 -1.50 18.72
CA TYR C 332 -3.52 -1.05 18.31
C TYR C 332 -4.33 -0.51 19.48
N GLY C 333 -3.63 -0.15 20.56
CA GLY C 333 -4.30 0.31 21.78
C GLY C 333 -5.09 -0.81 22.46
N GLN C 334 -6.25 -0.44 23.01
CA GLN C 334 -7.07 -1.25 23.90
C GLN C 334 -8.47 -1.33 23.29
N LEU C 335 -9.28 -2.28 23.78
CA LEU C 335 -10.60 -2.53 23.22
C LEU C 335 -11.55 -1.32 23.41
C1 NAG D . 12.92 10.88 7.04
C2 NAG D . 14.30 10.83 6.41
C3 NAG D . 15.32 10.16 7.34
C4 NAG D . 15.16 10.48 8.83
C5 NAG D . 13.69 10.48 9.26
C6 NAG D . 13.45 10.99 10.69
C7 NAG D . 14.55 10.39 3.98
C8 NAG D . 14.60 9.27 2.97
N2 NAG D . 14.13 10.04 5.21
O3 NAG D . 16.61 10.54 6.92
O4 NAG D . 15.84 9.48 9.56
O5 NAG D . 12.98 11.36 8.37
O6 NAG D . 13.91 12.37 10.90
O7 NAG D . 14.91 11.53 3.70
C1 NAG D . 16.60 9.78 10.70
C2 NAG D . 16.60 8.69 11.75
C3 NAG D . 17.55 9.06 12.88
C4 NAG D . 18.94 9.39 12.34
C5 NAG D . 18.84 10.44 11.25
C6 NAG D . 20.15 10.70 10.54
C7 NAG D . 14.48 7.42 12.02
C8 NAG D . 13.19 7.34 12.79
N2 NAG D . 15.31 8.41 12.37
O3 NAG D . 17.57 8.01 13.84
O4 NAG D . 19.77 9.89 13.41
O5 NAG D . 17.93 9.99 10.23
O6 NAG D . 20.39 9.70 9.55
O7 NAG D . 14.76 6.65 11.11
C1 BMA D . 20.89 9.17 13.82
C2 BMA D . 21.97 10.16 14.24
C3 BMA D . 23.20 9.44 14.83
C4 BMA D . 22.86 8.24 15.73
C5 BMA D . 21.65 7.42 15.25
C6 BMA D . 21.14 6.46 16.31
O2 BMA D . 21.42 11.18 15.09
O3 BMA D . 23.96 10.39 15.60
O4 BMA D . 23.97 7.34 15.75
O5 BMA D . 20.57 8.30 14.91
O6 BMA D . 19.72 6.61 16.58
C1 MAN D . 25.28 10.63 15.21
C2 MAN D . 26.05 10.91 16.49
C3 MAN D . 25.62 12.28 17.06
C4 MAN D . 25.76 13.39 16.03
C5 MAN D . 25.01 13.03 14.72
C6 MAN D . 25.25 14.00 13.57
O2 MAN D . 27.45 10.79 16.26
O3 MAN D . 26.37 12.59 18.25
O4 MAN D . 25.23 14.61 16.55
O5 MAN D . 25.42 11.70 14.26
O6 MAN D . 26.41 14.86 13.73
C1 MAN D . 19.12 5.46 17.09
C2 MAN D . 18.75 4.54 15.90
C3 MAN D . 17.36 4.80 15.30
C4 MAN D . 16.31 4.95 16.40
C5 MAN D . 16.71 6.08 17.33
C6 MAN D . 15.70 6.28 18.45
O2 MAN D . 18.89 3.18 16.30
O3 MAN D . 16.99 3.73 14.43
O4 MAN D . 15.05 5.23 15.81
O5 MAN D . 17.99 5.79 17.96
O6 MAN D . 15.92 7.48 19.20
C1 NAG E . -9.28 9.20 20.18
C2 NAG E . -10.21 9.76 21.25
C3 NAG E . -10.26 8.83 22.46
C4 NAG E . -10.59 7.40 22.00
C5 NAG E . -9.59 6.96 20.94
C6 NAG E . -9.89 5.58 20.38
C7 NAG E . -10.76 12.12 21.48
C8 NAG E . -10.40 13.41 22.11
N2 NAG E . -9.88 11.12 21.65
O3 NAG E . -11.26 9.34 23.34
O4 NAG E . -10.51 6.53 23.12
O5 NAG E . -9.65 7.88 19.83
O6 NAG E . -11.14 5.57 19.71
O7 NAG E . -11.82 11.96 20.85
C1 NAG E . -11.63 6.33 23.92
C2 NAG E . -11.58 4.87 24.37
C3 NAG E . -12.80 4.59 25.25
C4 NAG E . -12.82 5.56 26.42
C5 NAG E . -12.72 7.02 25.96
C6 NAG E . -12.43 7.96 27.11
C7 NAG E . -10.56 3.17 22.92
C8 NAG E . -10.83 2.20 21.81
N2 NAG E . -11.60 3.93 23.28
O3 NAG E . -12.71 3.23 25.69
O4 NAG E . -14.03 5.35 27.16
O5 NAG E . -11.59 7.17 25.07
O6 NAG E . -11.50 8.97 26.75
O7 NAG E . -9.44 3.30 23.43
C1 BMA E . -13.72 5.32 28.52
C2 BMA E . -15.04 5.35 29.27
C3 BMA E . -14.74 5.37 30.77
C4 BMA E . -13.77 4.28 31.19
C5 BMA E . -12.51 4.28 30.31
C6 BMA E . -11.58 3.11 30.58
O2 BMA E . -15.87 4.29 28.80
O3 BMA E . -15.97 5.31 31.51
O4 BMA E . -13.37 4.49 32.54
O5 BMA E . -12.93 4.21 28.93
O6 BMA E . -12.29 1.86 30.44
C1 MAN E . -11.78 0.68 31.04
C2 MAN E . -12.53 -0.46 30.37
C3 MAN E . -14.02 -0.48 30.80
C4 MAN E . -14.26 -0.17 32.28
C5 MAN E . -13.37 0.96 32.79
C6 MAN E . -13.46 1.19 34.29
O2 MAN E . -11.86 -1.71 30.58
O3 MAN E . -14.57 -1.76 30.49
O4 MAN E . -15.62 0.22 32.45
O5 MAN E . -11.99 0.67 32.44
O6 MAN E . -13.45 -0.01 35.10
C1 MAN E . -15.79 -1.77 29.82
C2 MAN E . -16.30 -3.19 29.85
C3 MAN E . -15.27 -4.13 29.21
C4 MAN E . -15.01 -3.71 27.76
C5 MAN E . -14.66 -2.21 27.73
C6 MAN E . -14.54 -1.62 26.34
O2 MAN E . -17.57 -3.21 29.21
O3 MAN E . -15.69 -5.50 29.25
O4 MAN E . -13.93 -4.49 27.21
O5 MAN E . -15.67 -1.41 28.44
O6 MAN E . -13.49 -0.64 26.33
C1 MAN E . -13.90 0.15 36.43
C2 MAN E . -12.67 0.50 37.30
C3 MAN E . -11.77 -0.70 37.61
C4 MAN E . -12.57 -1.94 38.01
C5 MAN E . -13.68 -2.20 36.99
C6 MAN E . -14.56 -3.39 37.34
O2 MAN E . -13.12 1.14 38.50
O3 MAN E . -10.86 -0.35 38.66
O4 MAN E . -11.69 -3.07 38.08
O5 MAN E . -14.55 -1.05 36.91
O6 MAN E . -15.21 -3.91 36.17
C1 MAN E . -16.71 6.49 31.58
C2 MAN E . -17.24 6.62 33.03
C3 MAN E . -18.70 6.16 33.24
C4 MAN E . -19.56 6.32 31.99
C5 MAN E . -18.85 5.69 30.82
C6 MAN E . -19.70 5.55 29.55
O2 MAN E . -17.05 7.95 33.51
O3 MAN E . -19.26 6.89 34.34
O4 MAN E . -20.83 5.70 32.15
O5 MAN E . -17.72 6.53 30.53
O6 MAN E . -20.19 6.79 29.09
C1 NAG F . -9.03 16.50 -28.82
C2 NAG F . -8.08 17.03 -29.88
C3 NAG F . -8.85 18.08 -30.69
C4 NAG F . -10.01 17.39 -31.40
C5 NAG F . -10.88 16.63 -30.39
C6 NAG F . -11.92 15.72 -31.07
C7 NAG F . -6.37 18.00 -28.35
C8 NAG F . -4.90 17.91 -28.06
N2 NAG F . -6.76 17.53 -29.54
O3 NAG F . -8.00 18.71 -31.63
O4 NAG F . -10.77 18.41 -32.05
O5 NAG F . -10.07 15.80 -29.53
O6 NAG F . -11.36 14.76 -32.00
O7 NAG F . -7.19 18.49 -27.56
C1 NAG F . -11.00 18.15 -33.40
C2 NAG F . -12.27 18.83 -33.89
C3 NAG F . -12.39 18.64 -35.40
C4 NAG F . -11.10 19.07 -36.12
C5 NAG F . -9.95 18.26 -35.53
C6 NAG F . -8.59 18.48 -36.15
C7 NAG F . -14.06 18.84 -32.17
C8 NAG F . -15.17 18.02 -31.57
N2 NAG F . -13.47 18.33 -33.26
O3 NAG F . -13.53 19.35 -35.87
O4 NAG F . -11.22 18.82 -37.54
O5 NAG F . -9.86 18.62 -34.13
O6 NAG F . -8.34 19.85 -36.45
O7 NAG F . -13.72 19.92 -31.70
C1 BMA F . -11.64 19.77 -38.48
C2 BMA F . -11.06 19.29 -39.80
C3 BMA F . -11.54 20.13 -40.97
C4 BMA F . -13.06 20.12 -40.97
C5 BMA F . -13.57 20.72 -39.66
C6 BMA F . -15.10 20.72 -39.57
O2 BMA F . -11.37 17.91 -40.01
O3 BMA F . -11.04 19.63 -42.21
O4 BMA F . -13.56 20.87 -42.09
O5 BMA F . -13.08 19.91 -38.54
O6 BMA F . -15.56 21.21 -38.32
C1 NAG G . -29.75 6.18 -17.34
C2 NAG G . -30.83 5.11 -17.21
C3 NAG G . -32.18 5.65 -17.64
C4 NAG G . -32.48 6.90 -16.83
C5 NAG G . -31.37 7.92 -17.06
C6 NAG G . -31.59 9.21 -16.30
C7 NAG G . -30.26 2.71 -17.36
C8 NAG G . -30.25 1.52 -18.28
N2 NAG G . -30.48 3.90 -17.95
O3 NAG G . -33.14 4.63 -17.43
O4 NAG G . -33.67 7.50 -17.31
O5 NAG G . -30.14 7.33 -16.60
O6 NAG G . -31.64 8.93 -14.92
O7 NAG G . -30.08 2.59 -16.15
C1 NAG G . -34.83 7.19 -16.62
C2 NAG G . -35.77 8.39 -16.70
C3 NAG G . -37.17 8.03 -16.23
C4 NAG G . -37.63 6.70 -16.83
C5 NAG G . -36.58 5.62 -16.54
C6 NAG G . -36.92 4.23 -17.03
C7 NAG G . -34.75 10.58 -16.35
C8 NAG G . -34.26 11.58 -15.33
N2 NAG G . -35.24 9.44 -15.86
O3 NAG G . -38.01 9.09 -16.65
O4 NAG G . -38.93 6.37 -16.31
O5 NAG G . -35.40 6.04 -17.23
O6 NAG G . -36.81 4.20 -18.47
O7 NAG G . -34.68 10.77 -17.56
C1 BMA G . -39.86 6.17 -17.32
C2 BMA G . -41.07 5.48 -16.72
C3 BMA G . -42.09 5.20 -17.83
C4 BMA G . -42.45 6.50 -18.55
C5 BMA G . -41.17 7.19 -19.06
C6 BMA G . -41.41 8.54 -19.68
O2 BMA G . -41.54 6.24 -15.62
O3 BMA G . -43.27 4.50 -17.37
O4 BMA G . -43.28 6.27 -19.69
O5 BMA G . -40.27 7.39 -17.95
O6 BMA G . -42.47 9.25 -19.03
C1 MAN G . -42.54 10.62 -19.30
C2 MAN G . -42.79 11.32 -17.96
C3 MAN G . -44.13 10.94 -17.35
C4 MAN G . -45.29 10.95 -18.36
C5 MAN G . -44.93 10.53 -19.83
C6 MAN G . -45.84 11.14 -20.87
O2 MAN G . -42.65 12.73 -18.15
O3 MAN G . -44.41 11.87 -16.31
O4 MAN G . -46.27 10.04 -17.88
O5 MAN G . -43.59 10.95 -20.21
O6 MAN G . -47.24 11.11 -20.51
C1 MAN G . -44.35 11.53 -14.96
C2 MAN G . -45.15 12.61 -14.25
C3 MAN G . -44.46 13.97 -14.39
C4 MAN G . -43.06 13.93 -13.80
C5 MAN G . -42.26 12.72 -14.34
C6 MAN G . -41.03 12.41 -13.51
O2 MAN G . -45.31 12.25 -12.87
O3 MAN G . -45.26 14.98 -13.76
O4 MAN G . -42.37 15.15 -14.10
O5 MAN G . -43.04 11.46 -14.37
O6 MAN G . -40.00 11.87 -14.31
C1 MAN G . -43.75 4.53 -16.05
C2 MAN G . -42.92 3.64 -15.09
C3 MAN G . -43.36 2.17 -15.01
C4 MAN G . -44.87 2.03 -15.03
C5 MAN G . -45.41 2.76 -16.24
C6 MAN G . -46.90 2.60 -16.44
O2 MAN G . -42.95 4.19 -13.78
O3 MAN G . -42.82 1.59 -13.83
O4 MAN G . -45.24 0.66 -15.08
O5 MAN G . -45.15 4.16 -16.08
O6 MAN G . -47.20 1.38 -17.12
C1 NAG H . 15.11 -33.59 0.19
C2 NAG H . 14.91 -32.94 -1.18
C3 NAG H . 16.24 -32.77 -1.89
C4 NAG H . 17.35 -32.22 -0.98
C5 NAG H . 17.36 -32.90 0.38
C6 NAG H . 18.30 -32.23 1.37
C7 NAG H . 13.87 -34.98 -2.04
C8 NAG H . 12.46 -35.50 -1.94
N2 NAG H . 14.00 -33.64 -2.04
O3 NAG H . 15.99 -31.86 -2.96
O4 NAG H . 18.61 -32.47 -1.59
O5 NAG H . 16.04 -32.83 0.96
O6 NAG H . 17.99 -30.84 1.51
O7 NAG H . 14.84 -35.73 -2.07
C1 NAG H . 19.41 -31.37 -1.87
C2 NAG H . 20.90 -31.62 -1.79
C3 NAG H . 21.64 -30.31 -1.96
C4 NAG H . 21.19 -29.67 -3.26
C5 NAG H . 19.70 -29.36 -3.15
C6 NAG H . 19.10 -28.65 -4.35
C7 NAG H . 21.66 -33.59 -0.54
C8 NAG H . 22.89 -33.94 0.24
N2 NAG H . 21.36 -32.29 -0.58
O3 NAG H . 23.04 -30.56 -1.94
O4 NAG H . 21.94 -28.48 -3.52
O5 NAG H . 19.01 -30.62 -2.99
O6 NAG H . 18.81 -29.53 -5.43
O7 NAG H . 20.97 -34.43 -1.10
C1 BMA H . 22.94 -28.61 -4.46
C2 BMA H . 23.36 -27.19 -4.84
C3 BMA H . 24.71 -27.13 -5.57
C4 BMA H . 25.74 -28.03 -4.92
C5 BMA H . 25.17 -29.44 -4.82
C6 BMA H . 26.13 -30.49 -4.28
O2 BMA H . 23.34 -26.37 -3.68
O3 BMA H . 25.18 -25.77 -5.58
O4 BMA H . 26.96 -28.05 -5.69
O5 BMA H . 24.03 -29.36 -3.92
O6 BMA H . 26.78 -30.08 -3.06
C1 MAN H . 25.09 -25.04 -6.77
C2 MAN H . 26.21 -23.99 -6.67
C3 MAN H . 25.83 -22.80 -5.78
C4 MAN H . 24.44 -22.25 -6.14
C5 MAN H . 23.42 -23.40 -6.03
C6 MAN H . 21.96 -23.03 -6.31
O2 MAN H . 26.60 -23.60 -7.99
O3 MAN H . 26.83 -21.78 -5.89
O4 MAN H . 24.06 -21.20 -5.24
O5 MAN H . 23.79 -24.44 -6.98
O6 MAN H . 21.80 -21.77 -6.98
C1 NAG I . 22.33 -41.55 23.80
C2 NAG I . 22.95 -41.14 25.12
C3 NAG I . 24.46 -41.41 25.09
C4 NAG I . 24.72 -42.87 24.70
C5 NAG I . 23.99 -43.22 23.41
C6 NAG I . 24.11 -44.66 23.01
C7 NAG I . 21.96 -39.36 26.46
C8 NAG I . 22.45 -38.13 27.17
N2 NAG I . 22.67 -39.75 25.41
O3 NAG I . 25.03 -41.07 26.34
O4 NAG I . 26.11 -43.10 24.51
O5 NAG I . 22.58 -42.94 23.56
O6 NAG I . 23.07 -45.45 23.60
O7 NAG I . 20.96 -39.97 26.84
C1 NAG I . 26.66 -44.05 25.35
C2 NAG I . 27.90 -44.67 24.69
C3 NAG I . 29.13 -44.82 25.59
C4 NAG I . 29.12 -43.97 26.86
C5 NAG I . 27.73 -44.05 27.49
C6 NAG I . 27.62 -43.39 28.85
C7 NAG I . 27.62 -46.37 22.86
C8 NAG I . 26.84 -47.60 22.48
N2 NAG I . 27.56 -45.98 24.15
O3 NAG I . 30.23 -44.47 24.79
O4 NAG I . 30.08 -44.43 27.85
O5 NAG I . 26.90 -43.34 26.57
O6 NAG I . 26.36 -43.64 29.44
O7 NAG I . 28.29 -45.77 22.03
C1 BMA I . 31.22 -45.16 27.55
C2 BMA I . 32.44 -44.41 28.03
C3 BMA I . 33.69 -45.18 27.59
C4 BMA I . 33.65 -46.62 28.09
C5 BMA I . 32.31 -47.31 27.73
C6 BMA I . 32.11 -48.64 28.42
O2 BMA I . 32.41 -44.23 29.44
O3 BMA I . 34.85 -44.50 28.06
O4 BMA I . 34.74 -47.35 27.52
O5 BMA I . 31.20 -46.47 28.15
O6 BMA I . 32.91 -49.67 27.84
C2 A1IUB J . 0.76 26.73 12.04
C4 A1IUB J . 0.54 27.08 9.61
C5 A1IUB J . -0.25 28.30 10.07
C6 A1IUB J . 0.29 29.00 11.32
C8 A1IUB J . -0.61 28.19 13.42
C9 A1IUB J . -0.51 28.26 14.72
C10 A1IUB J . -1.71 28.43 15.53
O11 A1IUB J . -1.72 28.03 16.69
C12 A1IUB J . -2.94 29.07 14.94
C1 A1IUB J . 0.48 25.74 13.13
C3 A1IUB J . 1.08 26.41 10.80
C7 A1IUB J . 0.54 28.10 12.45
C13 A1IUB J . 1.59 29.73 10.98
C14 A1IUB J . -0.75 30.03 11.77
C2 A1IUB K . -3.07 32.07 17.29
C4 A1IUB K . -3.89 31.57 19.64
C5 A1IUB K . -2.66 30.69 19.85
C6 A1IUB K . -1.48 31.11 18.96
C8 A1IUB K . -0.65 31.80 16.69
C9 A1IUB K . -0.28 31.32 15.51
C10 A1IUB K . 0.90 31.72 14.74
O11 A1IUB K . 1.08 31.28 13.59
C12 A1IUB K . 1.90 32.67 15.34
C1 A1IUB K . -3.26 32.64 15.91
C3 A1IUB K . -3.98 32.20 18.26
C7 A1IUB K . -1.81 31.30 17.50
C13 A1IUB K . -0.94 32.42 19.53
C14 A1IUB K . -0.43 30.00 19.12
C1 GOL L . 8.37 3.97 20.89
O1 GOL L . 9.04 3.52 19.72
C2 GOL L . 7.67 5.30 20.68
O2 GOL L . 6.68 5.44 21.69
C3 GOL L . 8.55 6.51 20.82
O3 GOL L . 7.92 7.47 21.69
CHA HEM M . 2.99 23.50 8.36
CHB HEM M . 2.86 27.98 6.69
CHC HEM M . -2.01 27.76 6.43
CHD HEM M . -1.83 23.13 7.81
C1A HEM M . 3.36 24.76 7.91
C2A HEM M . 4.68 25.20 7.85
C3A HEM M . 4.67 26.46 7.38
C4A HEM M . 3.30 26.80 7.16
CMA HEM M . 5.87 27.34 7.18
CAA HEM M . 5.91 24.41 8.21
CBA HEM M . 6.09 24.51 9.68
CGA HEM M . 7.48 24.06 10.11
O1A HEM M . 7.97 24.59 11.16
O2A HEM M . 8.21 23.18 9.56
C1B HEM M . 1.51 28.28 6.53
C2B HEM M . 1.07 29.57 6.15
C3B HEM M . -0.29 29.54 6.06
C4B HEM M . -0.69 28.20 6.46
CMB HEM M . 1.90 30.80 5.83
CAB HEM M . -1.08 30.71 5.72
CBB HEM M . -2.36 30.83 5.96
C1C HEM M . -2.38 26.45 6.73
C2C HEM M . -3.69 25.91 6.61
C3C HEM M . -3.59 24.61 7.05
C4C HEM M . -2.26 24.34 7.35
CMC HEM M . -4.95 26.64 6.19
CAC HEM M . -4.57 23.55 7.13
CBC HEM M . -5.56 23.54 6.28
C1D HEM M . -0.49 22.91 8.14
C2D HEM M . -0.04 21.67 8.77
C3D HEM M . 1.29 21.77 8.88
C4D HEM M . 1.65 23.08 8.37
CMD HEM M . -0.86 20.44 9.18
CAD HEM M . 2.22 20.72 9.49
CBD HEM M . 2.85 19.81 8.45
CGD HEM M . 3.69 18.71 9.09
O1D HEM M . 4.25 18.86 10.20
O2D HEM M . 3.78 17.58 8.51
NA HEM M . 2.53 25.73 7.46
NB HEM M . 0.46 27.49 6.66
NC HEM M . -1.55 25.49 7.17
ND HEM M . 0.56 23.72 7.91
FE HEM M . 0.55 25.47 7.15
MG MG N . 9.23 21.56 9.90
S SO4 O . 7.52 39.93 29.13
O1 SO4 O . 7.34 41.36 29.22
O2 SO4 O . 7.66 39.37 30.46
O3 SO4 O . 6.35 39.35 28.47
O4 SO4 O . 8.71 39.66 28.35
C2 A1IUB P . -13.05 -9.40 -26.01
C4 A1IUB P . -11.88 -7.59 -27.29
C5 A1IUB P . -13.25 -6.91 -27.43
C6 A1IUB P . -14.29 -7.20 -26.34
C8 A1IUB P . -14.99 -9.46 -27.40
C9 A1IUB P . -16.16 -10.05 -27.48
C10 A1IUB P . -16.87 -10.88 -26.48
O11 A1IUB P . -18.11 -11.08 -26.60
C12 A1IUB P . -16.14 -11.49 -25.32
C1 A1IUB P . -13.00 -10.59 -25.09
C3 A1IUB P . -11.98 -8.93 -26.65
C7 A1IUB P . -14.39 -8.78 -26.20
C13 A1IUB P . -13.84 -6.50 -25.04
C14 A1IUB P . -15.66 -6.61 -26.71
C1 GOL Q . -22.67 16.16 -30.31
O1 GOL Q . -22.32 17.29 -29.51
C2 GOL Q . -24.16 15.83 -30.34
O2 GOL Q . -24.94 16.99 -30.64
C3 GOL Q . -24.49 14.75 -31.35
O3 GOL Q . -25.88 14.48 -31.41
C ACT R . -10.22 -3.98 -24.58
O ACT R . -11.24 -3.77 -25.33
OXT ACT R . -9.67 -5.11 -24.48
CH3 ACT R . -9.65 -2.86 -23.69
CHA HEM S . -9.04 1.13 -24.22
CHB HEM S . -5.82 -2.45 -24.12
CHC HEM S . -7.83 -4.02 -19.98
CHD HEM S . -10.80 -0.20 -19.98
C1A HEM S . -8.03 0.28 -24.51
C2A HEM S . -7.20 0.42 -25.66
C3A HEM S . -6.29 -0.58 -25.63
C4A HEM S . -6.54 -1.35 -24.48
CMA HEM S . -5.19 -0.83 -26.64
CAA HEM S . -7.30 1.49 -26.71
CBA HEM S . -8.39 1.09 -27.67
CGA HEM S . -8.40 1.92 -28.94
O1A HEM S . -8.08 3.14 -29.01
O2A HEM S . -8.82 1.34 -30.00
C1B HEM S . -6.16 -3.20 -22.99
C2B HEM S . -5.48 -4.41 -22.69
C3B HEM S . -6.01 -4.85 -21.51
C4B HEM S . -7.08 -3.89 -21.12
CMB HEM S . -4.31 -5.03 -23.40
CAB HEM S . -5.61 -6.09 -20.87
CBB HEM S . -6.47 -6.82 -20.13
C1C HEM S . -8.78 -3.11 -19.58
C2C HEM S . -9.43 -3.08 -18.34
C3C HEM S . -10.31 -2.02 -18.39
C4C HEM S . -10.10 -1.35 -19.60
CMC HEM S . -9.29 -4.14 -17.26
CAC HEM S . -11.23 -1.45 -17.40
CBC HEM S . -11.03 -1.68 -16.11
C1D HEM S . -10.56 0.42 -21.18
C2D HEM S . -11.37 1.52 -21.61
C3D HEM S . -10.88 1.92 -22.75
C4D HEM S . -9.77 1.00 -23.06
CMD HEM S . -12.51 2.18 -20.86
CAD HEM S . -11.39 3.08 -23.58
CBD HEM S . -10.60 4.38 -23.32
CGD HEM S . -11.25 5.51 -24.06
O1D HEM S . -11.31 6.63 -23.59
O2D HEM S . -11.80 5.33 -25.15
NA HEM S . -7.60 -0.80 -23.77
NB HEM S . -7.07 -2.92 -22.04
NC HEM S . -9.15 -2.04 -20.33
ND HEM S . -9.61 0.13 -22.07
FE HEM S . -8.31 -1.27 -22.00
MG MG T . -8.37 4.91 -29.99
S SO4 U . -17.59 -16.83 -42.48
O1 SO4 U . -16.72 -16.09 -43.37
O2 SO4 U . -17.06 -18.18 -42.30
O3 SO4 U . -17.63 -16.16 -41.20
O4 SO4 U . -18.93 -16.89 -43.04
C2 A1IUB V . 8.60 -25.34 17.59
C4 A1IUB V . 6.24 -25.92 17.08
C5 A1IUB V . 5.95 -25.32 18.45
C6 A1IUB V . 6.97 -24.26 18.87
C8 A1IUB V . 9.33 -24.00 19.54
C9 A1IUB V . 10.22 -24.34 20.46
C10 A1IUB V . 11.08 -23.32 21.08
O11 A1IUB V . 10.79 -22.11 20.97
C12 A1IUB V . 12.29 -23.69 21.90
C1 A1IUB V . 10.01 -25.02 17.18
C3 A1IUB V . 7.71 -25.98 16.85
C7 A1IUB V . 8.29 -24.87 18.87
C13 A1IUB V . 6.92 -23.03 17.95
C14 A1IUB V . 6.68 -23.81 20.29
C1 GOL W . 26.77 -35.68 7.42
O1 GOL W . 25.72 -36.56 7.03
C2 GOL W . 27.90 -36.38 8.17
O2 GOL W . 28.41 -37.46 7.39
C3 GOL W . 29.07 -35.49 8.56
O3 GOL W . 28.70 -34.50 9.52
C2 A1IUB X . 8.48 -23.76 23.30
C4 A1IUB X . 6.18 -23.18 22.50
C5 A1IUB X . 6.68 -21.74 22.38
C6 A1IUB X . 7.67 -21.35 23.49
C8 A1IUB X . 9.87 -21.88 24.50
C9 A1IUB X . 11.02 -21.23 24.34
C10 A1IUB X . 12.00 -21.04 25.44
O11 A1IUB X . 13.20 -20.83 25.20
C12 A1IUB X . 11.57 -21.21 26.87
C1 A1IUB X . 9.42 -24.79 23.83
C3 A1IUB X . 7.31 -24.12 22.79
C7 A1IUB X . 8.88 -22.24 23.42
C13 A1IUB X . 8.12 -19.90 23.32
C14 A1IUB X . 6.98 -21.48 24.84
CHA HEM Y . 7.87 -27.97 13.46
CHB HEM Y . 4.05 -25.16 14.32
CHC HEM Y . 2.99 -27.88 18.19
CHD HEM Y . 6.58 -30.94 17.03
C1A HEM Y . 6.90 -26.99 13.38
C2A HEM Y . 6.88 -26.02 12.36
C3A HEM Y . 5.81 -25.24 12.58
C4A HEM Y . 5.17 -25.71 13.77
CMA HEM Y . 5.39 -24.06 11.77
CAA HEM Y . 7.86 -25.88 11.22
CBA HEM Y . 9.07 -25.16 11.82
CGA HEM Y . 10.02 -24.73 10.71
O1A HEM Y . 10.79 -23.73 10.87
O2A HEM Y . 10.05 -25.26 9.56
C1B HEM Y . 3.49 -25.66 15.48
C2B HEM Y . 2.38 -25.03 16.09
C3B HEM Y . 2.07 -25.78 17.18
C4B HEM Y . 3.06 -26.87 17.25
CMB HEM Y . 1.62 -23.79 15.66
CAB HEM Y . 1.00 -25.39 18.09
CBB HEM Y . 0.91 -25.84 19.36
C1C HEM Y . 3.83 -29.01 18.19
C2C HEM Y . 3.74 -30.13 19.09
C3C HEM Y . 4.79 -30.97 18.76
C4C HEM Y . 5.48 -30.39 17.63
CMC HEM Y . 2.69 -30.31 20.14
CAC HEM Y . 5.17 -32.29 19.25
CBC HEM Y . 4.26 -33.02 19.86
C1D HEM Y . 7.23 -30.30 15.96
C2D HEM Y . 8.46 -30.87 15.41
C3D HEM Y . 8.81 -30.03 14.44
C4D HEM Y . 7.79 -28.98 14.39
CMD HEM Y . 9.21 -32.11 15.87
CAD HEM Y . 10.02 -30.16 13.57
CBD HEM Y . 9.69 -30.94 12.27
CGD HEM Y . 11.00 -31.20 11.54
O1D HEM Y . 11.09 -32.22 10.79
O2D HEM Y . 12.01 -30.46 11.68
NA HEM Y . 5.84 -26.79 14.22
NB HEM Y . 3.84 -26.78 16.16
NC HEM Y . 4.89 -29.18 17.33
ND HEM Y . 6.86 -29.18 15.31
FE HEM Y . 5.35 -28.10 15.63
MG MG Z . 11.41 -25.79 7.85
S SO4 AA . 17.92 -5.81 24.39
O1 SO4 AA . 17.38 -4.80 25.27
O2 SO4 AA . 17.45 -7.12 24.81
O3 SO4 AA . 17.48 -5.53 23.03
O4 SO4 AA . 19.37 -5.79 24.47
#